data_5KWE
#
_entry.id   5KWE
#
_cell.length_a   68.744
_cell.length_b   70.126
_cell.length_c   118.342
_cell.angle_alpha   90.000
_cell.angle_beta   100.720
_cell.angle_gamma   90.000
#
_symmetry.space_group_name_H-M   'P 1 21 1'
#
loop_
_entity.id
_entity.type
_entity.pdbx_description
1 polymer 'Halohydrin dehalogenase'
2 non-polymer 'CHLORIDE ION'
3 non-polymer 'SODIUM ION'
4 water water
#
_entity_poly.entity_id   1
_entity_poly.type   'polypeptide(L)'
_entity_poly.pdbx_seq_one_letter_code
;MGHHHHHHSSGLVPRGSHATAIVTNVKHFGGMGSALRLSEAGHTVACHDESFKQKDELEAFAETYPQLKPMSEQEPAELI
EAVTSAYGQVDVLVSNDIFAPEFQPIDKYAVEDYRGAVEALQIRPFALVNAVASQMKKRKSGHIIFITSATPFGPWKELS
TYTSARAGANTLANALSKELGEYNIPVFAIGPNYLHSEDSPYFYPTEPWKTNPEHVAHVKKVTALQRLGTQKELGELVAF
LASGSCDYLTGQVFWLAGGFPMIERWPGMPE
;
_entity_poly.pdbx_strand_id   A,B,C,D
#
loop_
_chem_comp.id
_chem_comp.type
_chem_comp.name
_chem_comp.formula
CL non-polymer 'CHLORIDE ION' 'Cl -1'
NA non-polymer 'SODIUM ION' 'Na 1'
#
# COMPACT_ATOMS: atom_id res chain seq x y z
N SER A 17 -6.80 -40.53 -7.86
CA SER A 17 -5.42 -40.02 -7.90
C SER A 17 -5.18 -38.99 -6.80
N HIS A 18 -3.91 -38.64 -6.60
CA HIS A 18 -3.51 -37.73 -5.53
C HIS A 18 -2.96 -36.43 -6.12
N ALA A 19 -3.23 -35.32 -5.43
CA ALA A 19 -2.55 -34.08 -5.71
C ALA A 19 -1.22 -34.06 -4.96
N THR A 20 -0.19 -33.50 -5.58
CA THR A 20 1.15 -33.51 -5.01
C THR A 20 1.57 -32.11 -4.62
N ALA A 21 2.15 -31.96 -3.42
CA ALA A 21 2.66 -30.68 -2.94
C ALA A 21 4.13 -30.80 -2.61
N ILE A 22 4.84 -29.68 -2.69
CA ILE A 22 6.22 -29.56 -2.21
C ILE A 22 6.24 -28.50 -1.12
N VAL A 23 6.80 -28.85 0.04
CA VAL A 23 7.06 -27.87 1.09
C VAL A 23 8.57 -27.84 1.32
N THR A 24 9.18 -26.68 1.16
CA THR A 24 10.62 -26.59 1.38
C THR A 24 10.91 -26.25 2.84
N ASN A 25 12.17 -26.45 3.23
CA ASN A 25 12.68 -26.19 4.59
C ASN A 25 11.68 -26.63 5.64
N VAL A 26 11.24 -27.88 5.53
CA VAL A 26 10.04 -28.31 6.22
C VAL A 26 10.19 -28.27 7.74
N LYS A 27 11.42 -28.35 8.25
CA LYS A 27 11.62 -28.32 9.70
C LYS A 27 11.51 -26.93 10.30
N HIS A 28 11.36 -25.88 9.48
CA HIS A 28 11.51 -24.51 9.94
C HIS A 28 10.34 -23.64 9.49
N PHE A 29 10.16 -22.53 10.20
CA PHE A 29 9.25 -21.45 9.78
C PHE A 29 7.87 -22.04 9.57
N GLY A 30 7.28 -21.96 8.36
CA GLY A 30 5.93 -22.45 8.17
C GLY A 30 5.89 -23.86 7.59
N GLY A 31 7.01 -24.57 7.72
CA GLY A 31 7.13 -25.85 7.03
C GLY A 31 6.20 -26.91 7.58
N MET A 32 6.22 -27.13 8.90
CA MET A 32 5.45 -28.23 9.47
C MET A 32 3.96 -27.94 9.43
N GLY A 33 3.56 -26.70 9.77
CA GLY A 33 2.15 -26.34 9.66
C GLY A 33 1.62 -26.59 8.26
N SER A 34 2.39 -26.18 7.25
CA SER A 34 1.99 -26.38 5.85
C SER A 34 1.94 -27.85 5.49
N ALA A 35 3.02 -28.59 5.76
CA ALA A 35 3.06 -29.99 5.34
C ALA A 35 1.98 -30.82 6.03
N LEU A 36 1.82 -30.63 7.34
CA LEU A 36 0.86 -31.45 8.08
C LEU A 36 -0.57 -31.19 7.61
N ARG A 37 -0.95 -29.93 7.41
CA ARG A 37 -2.33 -29.66 7.01
C ARG A 37 -2.57 -30.05 5.56
N LEU A 38 -1.57 -29.85 4.67
CA LEU A 38 -1.74 -30.29 3.29
C LEU A 38 -1.92 -31.80 3.24
N SER A 39 -1.18 -32.55 4.07
CA SER A 39 -1.35 -33.99 4.08
C SER A 39 -2.73 -34.37 4.59
N GLU A 40 -3.22 -33.66 5.61
CA GLU A 40 -4.57 -33.94 6.12
C GLU A 40 -5.62 -33.70 5.04
N ALA A 41 -5.38 -32.74 4.16
CA ALA A 41 -6.30 -32.44 3.07
C ALA A 41 -6.19 -33.43 1.92
N GLY A 42 -5.28 -34.39 1.99
CA GLY A 42 -5.17 -35.42 0.98
C GLY A 42 -4.04 -35.26 0.00
N HIS A 43 -3.18 -34.25 0.14
CA HIS A 43 -2.02 -34.15 -0.73
C HIS A 43 -0.96 -35.17 -0.35
N THR A 44 -0.27 -35.67 -1.37
CA THR A 44 1.05 -36.25 -1.16
C THR A 44 2.03 -35.10 -1.00
N VAL A 45 2.71 -35.02 0.14
CA VAL A 45 3.52 -33.84 0.45
C VAL A 45 4.98 -34.26 0.43
N ALA A 46 5.68 -33.90 -0.64
CA ALA A 46 7.12 -34.08 -0.72
C ALA A 46 7.81 -32.95 0.03
N CYS A 47 8.75 -33.29 0.91
CA CYS A 47 9.34 -32.32 1.83
C CYS A 47 10.83 -32.17 1.58
N HIS A 48 11.29 -30.93 1.49
CA HIS A 48 12.70 -30.58 1.37
C HIS A 48 13.21 -30.03 2.69
N ASP A 49 14.48 -30.24 2.98
CA ASP A 49 15.14 -29.64 4.12
C ASP A 49 16.64 -29.82 3.96
N GLU A 50 17.41 -28.83 4.42
CA GLU A 50 18.85 -28.95 4.32
C GLU A 50 19.38 -30.17 5.07
N SER A 51 18.70 -30.57 6.15
CA SER A 51 19.18 -31.71 6.91
C SER A 51 18.99 -33.02 6.16
N PHE A 52 18.11 -33.05 5.15
CA PHE A 52 17.84 -34.30 4.43
C PHE A 52 18.99 -34.70 3.49
N LYS A 53 20.04 -33.88 3.38
CA LYS A 53 21.30 -34.33 2.78
C LYS A 53 21.86 -35.53 3.50
N GLN A 54 21.52 -35.69 4.78
CA GLN A 54 22.01 -36.76 5.61
C GLN A 54 20.94 -37.85 5.66
N LYS A 55 21.32 -39.07 5.29
CA LYS A 55 20.37 -40.17 5.23
C LYS A 55 19.71 -40.42 6.58
N ASP A 56 20.45 -40.30 7.68
CA ASP A 56 19.88 -40.56 8.99
C ASP A 56 18.81 -39.55 9.36
N GLU A 57 19.02 -38.28 8.98
CA GLU A 57 18.03 -37.24 9.22
C GLU A 57 16.78 -37.44 8.38
N LEU A 58 16.94 -37.77 7.10
CA LEU A 58 15.77 -38.03 6.25
C LEU A 58 14.97 -39.21 6.80
N GLU A 59 15.65 -40.29 7.17
CA GLU A 59 14.93 -41.48 7.60
C GLU A 59 14.25 -41.26 8.96
N ALA A 60 14.90 -40.52 9.86
CA ALA A 60 14.26 -40.20 11.13
C ALA A 60 12.99 -39.39 10.89
N PHE A 61 13.03 -38.44 9.97
CA PHE A 61 11.85 -37.64 9.65
C PHE A 61 10.74 -38.50 9.06
N ALA A 62 11.09 -39.38 8.12
CA ALA A 62 10.11 -40.27 7.52
C ALA A 62 9.46 -41.19 8.56
N GLU A 63 10.23 -41.59 9.57
CA GLU A 63 9.67 -42.48 10.60
C GLU A 63 8.72 -41.73 11.52
N THR A 64 9.06 -40.48 11.88
CA THR A 64 8.21 -39.69 12.77
C THR A 64 6.95 -39.22 12.06
N TYR A 65 7.07 -38.86 10.78
CA TYR A 65 5.96 -38.33 9.98
C TYR A 65 5.76 -39.20 8.76
N PRO A 66 5.22 -40.42 8.95
CA PRO A 66 5.11 -41.36 7.82
C PRO A 66 4.15 -40.91 6.75
N GLN A 67 3.29 -39.92 7.03
CA GLN A 67 2.42 -39.37 6.01
C GLN A 67 3.14 -38.37 5.11
N LEU A 68 4.33 -37.94 5.47
CA LEU A 68 5.09 -37.00 4.66
C LEU A 68 6.18 -37.75 3.92
N LYS A 69 6.64 -37.17 2.82
CA LYS A 69 7.61 -37.84 1.93
C LYS A 69 8.86 -36.99 1.81
N PRO A 70 9.84 -37.16 2.70
CA PRO A 70 11.05 -36.34 2.62
C PRO A 70 11.90 -36.75 1.41
N MET A 71 12.46 -35.74 0.75
CA MET A 71 13.35 -35.89 -0.40
C MET A 71 14.76 -35.45 0.00
N SER A 72 15.77 -36.09 -0.61
CA SER A 72 17.15 -35.67 -0.35
C SER A 72 17.55 -34.47 -1.21
N GLU A 73 16.85 -34.21 -2.31
CA GLU A 73 17.29 -33.21 -3.26
C GLU A 73 17.31 -31.81 -2.62
N GLN A 74 18.35 -31.05 -2.94
CA GLN A 74 18.59 -29.73 -2.37
C GLN A 74 18.37 -28.59 -3.34
N GLU A 75 18.86 -28.71 -4.56
CA GLU A 75 18.78 -27.62 -5.52
C GLU A 75 17.40 -27.56 -6.18
N PRO A 76 16.95 -26.37 -6.58
CA PRO A 76 15.53 -26.23 -7.00
C PRO A 76 15.15 -27.06 -8.21
N ALA A 77 15.95 -27.03 -9.28
CA ALA A 77 15.59 -27.82 -10.46
C ALA A 77 15.58 -29.31 -10.15
N GLU A 78 16.54 -29.79 -9.35
CA GLU A 78 16.59 -31.22 -9.08
C GLU A 78 15.46 -31.65 -8.16
N LEU A 79 15.03 -30.75 -7.27
CA LEU A 79 13.91 -31.06 -6.38
C LEU A 79 12.63 -31.19 -7.19
N ILE A 80 12.35 -30.23 -8.08
CA ILE A 80 11.16 -30.31 -8.91
C ILE A 80 11.18 -31.59 -9.75
N GLU A 81 12.35 -31.90 -10.33
N GLU A 81 12.32 -31.93 -10.34
CA GLU A 81 12.51 -33.07 -11.18
CA GLU A 81 12.33 -33.12 -11.20
C GLU A 81 12.26 -34.36 -10.41
C GLU A 81 12.18 -34.39 -10.38
N ALA A 82 12.77 -34.43 -9.19
CA ALA A 82 12.67 -35.65 -8.38
C ALA A 82 11.23 -35.89 -7.94
N VAL A 83 10.53 -34.84 -7.53
CA VAL A 83 9.13 -34.98 -7.16
C VAL A 83 8.29 -35.34 -8.37
N THR A 84 8.59 -34.73 -9.52
CA THR A 84 7.86 -35.04 -10.74
C THR A 84 8.06 -36.49 -11.14
N SER A 85 9.29 -36.99 -11.04
CA SER A 85 9.58 -38.38 -11.35
C SER A 85 8.87 -39.32 -10.37
N ALA A 86 8.91 -39.01 -9.08
CA ALA A 86 8.37 -39.92 -8.07
C ALA A 86 6.85 -39.95 -8.10
N TYR A 87 6.20 -38.80 -8.31
CA TYR A 87 4.75 -38.71 -8.13
C TYR A 87 4.00 -38.21 -9.35
N GLY A 88 4.67 -37.94 -10.46
CA GLY A 88 4.01 -37.63 -11.71
C GLY A 88 4.04 -36.15 -12.05
N GLN A 89 3.81 -35.31 -11.06
CA GLN A 89 3.72 -33.88 -11.30
C GLN A 89 3.78 -33.16 -9.96
N VAL A 90 3.94 -31.84 -10.03
CA VAL A 90 3.90 -30.98 -8.85
C VAL A 90 2.69 -30.07 -8.99
N ASP A 91 1.70 -30.27 -8.13
CA ASP A 91 0.48 -29.48 -8.21
C ASP A 91 0.56 -28.19 -7.39
N VAL A 92 1.23 -28.25 -6.24
CA VAL A 92 1.28 -27.14 -5.29
C VAL A 92 2.73 -26.94 -4.87
N LEU A 93 3.24 -25.72 -5.03
CA LEU A 93 4.58 -25.36 -4.54
C LEU A 93 4.42 -24.44 -3.35
N VAL A 94 4.97 -24.84 -2.20
CA VAL A 94 5.04 -23.97 -1.03
C VAL A 94 6.52 -23.67 -0.80
N SER A 95 6.94 -22.47 -1.20
CA SER A 95 8.32 -22.06 -1.06
C SER A 95 8.45 -21.39 0.31
N ASN A 96 8.87 -22.18 1.29
CA ASN A 96 8.95 -21.79 2.70
C ASN A 96 10.37 -21.32 2.95
N ASP A 97 10.64 -20.06 2.59
CA ASP A 97 12.01 -19.60 2.51
C ASP A 97 12.50 -19.01 3.83
N ILE A 98 13.77 -19.27 4.14
CA ILE A 98 14.35 -18.89 5.42
C ILE A 98 15.75 -18.32 5.20
N PHE A 99 16.15 -17.45 6.12
CA PHE A 99 17.48 -16.88 6.20
C PHE A 99 17.60 -16.34 7.61
N ALA A 100 18.78 -16.42 8.22
CA ALA A 100 18.88 -15.89 9.58
C ALA A 100 18.83 -14.37 9.56
N PRO A 101 17.89 -13.72 10.27
CA PRO A 101 17.90 -12.26 10.31
C PRO A 101 19.07 -11.76 11.16
N GLU A 102 19.88 -10.89 10.57
CA GLU A 102 21.02 -10.31 11.28
C GLU A 102 20.85 -8.81 11.33
N PHE A 103 20.74 -8.27 12.54
CA PHE A 103 20.59 -6.84 12.73
C PHE A 103 21.96 -6.17 12.69
N GLN A 104 22.11 -5.17 11.83
CA GLN A 104 23.32 -4.36 11.77
C GLN A 104 22.95 -2.98 11.28
N PRO A 105 23.63 -1.94 11.77
CA PRO A 105 23.62 -0.66 11.04
C PRO A 105 24.15 -0.91 9.64
N ILE A 106 23.65 -0.11 8.68
CA ILE A 106 23.89 -0.39 7.27
C ILE A 106 25.38 -0.46 6.97
N ASP A 107 26.18 0.41 7.59
CA ASP A 107 27.61 0.43 7.30
C ASP A 107 28.38 -0.72 7.93
N LYS A 108 27.77 -1.48 8.85
CA LYS A 108 28.46 -2.60 9.48
C LYS A 108 28.23 -3.93 8.77
N TYR A 109 27.20 -4.03 7.93
CA TYR A 109 27.10 -5.18 7.06
C TYR A 109 28.28 -5.24 6.10
N ALA A 110 28.59 -6.45 5.65
CA ALA A 110 29.29 -6.64 4.39
C ALA A 110 28.27 -6.69 3.27
N VAL A 111 28.69 -6.31 2.07
CA VAL A 111 27.77 -6.42 0.94
C VAL A 111 27.33 -7.86 0.74
N GLU A 112 28.20 -8.83 1.02
CA GLU A 112 27.84 -10.24 0.90
C GLU A 112 26.69 -10.62 1.83
N ASP A 113 26.50 -9.89 2.93
CA ASP A 113 25.38 -10.18 3.83
C ASP A 113 24.04 -9.86 3.16
N TYR A 114 24.00 -8.82 2.31
CA TYR A 114 22.79 -8.59 1.53
C TYR A 114 22.64 -9.62 0.43
N ARG A 115 23.74 -9.94 -0.25
CA ARG A 115 23.68 -10.95 -1.30
C ARG A 115 23.18 -12.28 -0.76
N GLY A 116 23.63 -12.66 0.44
CA GLY A 116 23.14 -13.89 1.04
C GLY A 116 21.65 -13.86 1.29
N ALA A 117 21.13 -12.71 1.76
CA ALA A 117 19.70 -12.58 2.01
C ALA A 117 18.90 -12.68 0.72
N VAL A 118 19.36 -11.99 -0.33
N VAL A 118 19.37 -12.00 -0.34
CA VAL A 118 18.63 -12.03 -1.59
CA VAL A 118 18.61 -12.03 -1.59
C VAL A 118 18.67 -13.44 -2.18
C VAL A 118 18.70 -13.40 -2.27
N GLU A 119 19.81 -14.11 -2.10
CA GLU A 119 19.91 -15.46 -2.66
C GLU A 119 18.91 -16.40 -2.00
N ALA A 120 18.80 -16.31 -0.67
CA ALA A 120 17.95 -17.21 0.10
C ALA A 120 16.47 -16.84 0.01
N LEU A 121 16.17 -15.54 -0.10
CA LEU A 121 14.78 -15.10 0.07
C LEU A 121 14.13 -14.62 -1.21
N GLN A 122 14.90 -14.37 -2.27
CA GLN A 122 14.37 -13.97 -3.57
C GLN A 122 14.76 -14.94 -4.68
N ILE A 123 16.06 -15.23 -4.80
N ILE A 123 16.04 -15.27 -4.80
CA ILE A 123 16.52 -16.08 -5.90
CA ILE A 123 16.45 -16.07 -5.95
C ILE A 123 15.95 -17.48 -5.77
C ILE A 123 16.02 -17.52 -5.78
N ARG A 124 15.93 -18.01 -4.55
CA ARG A 124 15.45 -19.39 -4.35
C ARG A 124 13.99 -19.56 -4.74
N PRO A 125 13.03 -18.74 -4.28
CA PRO A 125 11.66 -18.92 -4.80
C PRO A 125 11.57 -18.70 -6.29
N PHE A 126 12.32 -17.73 -6.84
CA PHE A 126 12.33 -17.54 -8.28
C PHE A 126 12.74 -18.81 -9.00
N ALA A 127 13.84 -19.42 -8.54
CA ALA A 127 14.37 -20.62 -9.19
C ALA A 127 13.38 -21.77 -9.11
N LEU A 128 12.67 -21.90 -7.99
CA LEU A 128 11.67 -22.95 -7.89
C LEU A 128 10.51 -22.72 -8.86
N VAL A 129 10.02 -21.48 -8.96
CA VAL A 129 8.94 -21.24 -9.92
C VAL A 129 9.45 -21.40 -11.35
N ASN A 130 10.67 -20.93 -11.62
CA ASN A 130 11.27 -21.08 -12.93
C ASN A 130 11.33 -22.55 -13.34
N ALA A 131 11.54 -23.45 -12.38
CA ALA A 131 11.68 -24.88 -12.68
C ALA A 131 10.34 -25.59 -12.82
N VAL A 132 9.28 -25.10 -12.18
CA VAL A 132 8.01 -25.81 -12.14
C VAL A 132 6.94 -25.19 -13.02
N ALA A 133 7.11 -23.94 -13.46
CA ALA A 133 6.00 -23.25 -14.11
C ALA A 133 5.60 -23.90 -15.43
N SER A 134 6.55 -24.42 -16.19
N SER A 134 6.55 -24.42 -16.20
CA SER A 134 6.21 -24.96 -17.50
CA SER A 134 6.21 -24.96 -17.50
C SER A 134 5.24 -26.13 -17.40
C SER A 134 5.23 -26.13 -17.38
N GLN A 135 5.45 -27.03 -16.43
CA GLN A 135 4.53 -28.16 -16.30
C GLN A 135 3.16 -27.70 -15.85
N MET A 136 3.10 -26.69 -14.97
CA MET A 136 1.80 -26.16 -14.56
C MET A 136 1.08 -25.47 -15.72
N LYS A 137 1.82 -24.68 -16.50
CA LYS A 137 1.22 -23.94 -17.60
C LYS A 137 0.69 -24.89 -18.67
N LYS A 138 1.38 -26.01 -18.91
N LYS A 138 1.39 -26.00 -18.91
CA LYS A 138 0.96 -26.92 -19.97
CA LYS A 138 0.97 -26.93 -19.95
C LYS A 138 -0.38 -27.57 -19.65
C LYS A 138 -0.38 -27.54 -19.64
N ARG A 139 -0.62 -27.89 -18.38
CA ARG A 139 -1.90 -28.50 -18.00
C ARG A 139 -2.90 -27.47 -17.51
N LYS A 140 -2.50 -26.21 -17.41
CA LYS A 140 -3.35 -25.11 -16.97
C LYS A 140 -3.93 -25.36 -15.57
N SER A 141 -3.06 -25.75 -14.64
CA SER A 141 -3.47 -25.89 -13.25
C SER A 141 -2.21 -25.88 -12.38
N GLY A 142 -2.38 -25.47 -11.15
CA GLY A 142 -1.26 -25.37 -10.22
C GLY A 142 -1.52 -24.24 -9.25
N HIS A 143 -0.80 -24.29 -8.13
CA HIS A 143 -0.87 -23.23 -7.13
C HIS A 143 0.52 -22.97 -6.60
N ILE A 144 0.87 -21.69 -6.48
CA ILE A 144 2.20 -21.29 -6.00
C ILE A 144 2.00 -20.41 -4.77
N ILE A 145 2.66 -20.79 -3.67
CA ILE A 145 2.58 -20.07 -2.41
C ILE A 145 4.00 -19.79 -1.94
N PHE A 146 4.32 -18.51 -1.72
CA PHE A 146 5.56 -18.12 -1.07
C PHE A 146 5.26 -17.82 0.39
N ILE A 147 6.06 -18.36 1.31
N ILE A 147 6.07 -18.33 1.31
CA ILE A 147 6.06 -17.89 2.69
CA ILE A 147 6.01 -17.87 2.69
C ILE A 147 7.17 -16.86 2.80
C ILE A 147 7.15 -16.88 2.87
N THR A 148 6.79 -15.61 3.07
CA THR A 148 7.75 -14.52 3.04
C THR A 148 7.90 -13.91 4.42
N SER A 149 7.39 -12.70 4.63
CA SER A 149 7.52 -12.01 5.91
C SER A 149 6.62 -10.79 5.90
N ALA A 150 6.10 -10.44 7.09
CA ALA A 150 5.40 -9.17 7.26
C ALA A 150 6.34 -8.02 7.65
N THR A 151 7.64 -8.27 7.78
CA THR A 151 8.54 -7.17 8.14
C THR A 151 8.49 -5.98 7.17
N PRO A 152 8.27 -6.14 5.85
CA PRO A 152 8.16 -4.94 5.00
C PRO A 152 6.99 -4.06 5.36
N PHE A 153 5.95 -4.62 5.98
CA PHE A 153 4.81 -3.81 6.36
C PHE A 153 5.17 -2.83 7.47
N GLY A 154 6.11 -3.21 8.33
CA GLY A 154 6.53 -2.33 9.41
C GLY A 154 7.93 -2.67 9.85
N PRO A 155 8.92 -2.11 9.16
CA PRO A 155 10.30 -2.52 9.40
C PRO A 155 10.80 -2.06 10.76
N TRP A 156 11.58 -2.92 11.39
CA TRP A 156 12.40 -2.55 12.53
C TRP A 156 13.65 -1.85 12.01
N LYS A 157 14.21 -0.94 12.81
CA LYS A 157 15.47 -0.38 12.38
C LYS A 157 16.58 -1.43 12.49
N GLU A 158 17.53 -1.33 11.56
CA GLU A 158 18.75 -2.15 11.49
C GLU A 158 18.50 -3.57 11.01
N LEU A 159 17.46 -3.79 10.21
CA LEU A 159 17.29 -5.10 9.57
C LEU A 159 17.05 -4.91 8.07
N SER A 160 17.90 -4.09 7.43
CA SER A 160 17.59 -3.64 6.08
C SER A 160 17.77 -4.76 5.05
N THR A 161 18.66 -5.72 5.31
CA THR A 161 18.92 -6.77 4.32
C THR A 161 17.74 -7.72 4.24
N TYR A 162 17.42 -8.36 5.35
CA TYR A 162 16.31 -9.31 5.43
C TYR A 162 15.00 -8.66 5.02
N THR A 163 14.72 -7.45 5.51
CA THR A 163 13.42 -6.83 5.26
C THR A 163 13.23 -6.53 3.78
N SER A 164 14.25 -5.94 3.14
CA SER A 164 14.07 -5.59 1.74
C SER A 164 14.04 -6.83 0.84
N ALA A 165 14.80 -7.88 1.17
CA ALA A 165 14.73 -9.09 0.36
C ALA A 165 13.33 -9.70 0.42
N ARG A 166 12.72 -9.72 1.61
CA ARG A 166 11.38 -10.25 1.74
C ARG A 166 10.38 -9.44 0.91
N ALA A 167 10.54 -8.13 0.85
CA ALA A 167 9.64 -7.32 0.03
C ALA A 167 9.81 -7.67 -1.45
N GLY A 168 11.05 -7.95 -1.87
CA GLY A 168 11.26 -8.39 -3.23
C GLY A 168 10.50 -9.67 -3.53
N ALA A 169 10.46 -10.59 -2.56
CA ALA A 169 9.72 -11.83 -2.74
C ALA A 169 8.21 -11.57 -2.82
N ASN A 170 7.70 -10.64 -2.00
CA ASN A 170 6.27 -10.33 -2.06
C ASN A 170 5.89 -9.81 -3.44
N THR A 171 6.69 -8.88 -3.97
CA THR A 171 6.39 -8.32 -5.29
C THR A 171 6.58 -9.36 -6.38
N LEU A 172 7.59 -10.25 -6.23
CA LEU A 172 7.75 -11.35 -7.16
C LEU A 172 6.47 -12.17 -7.25
N ALA A 173 5.87 -12.50 -6.10
CA ALA A 173 4.62 -13.25 -6.11
C ALA A 173 3.53 -12.47 -6.84
N ASN A 174 3.37 -11.19 -6.49
CA ASN A 174 2.32 -10.40 -7.10
C ASN A 174 2.53 -10.25 -8.60
N ALA A 175 3.79 -10.04 -9.03
CA ALA A 175 4.06 -9.91 -10.45
C ALA A 175 3.78 -11.22 -11.18
N LEU A 176 4.19 -12.35 -10.59
CA LEU A 176 3.93 -13.63 -11.23
C LEU A 176 2.45 -13.90 -11.39
N SER A 177 1.62 -13.43 -10.44
CA SER A 177 0.18 -13.68 -10.56
C SER A 177 -0.37 -13.12 -11.86
N LYS A 178 0.20 -12.01 -12.35
CA LYS A 178 -0.34 -11.36 -13.54
C LYS A 178 -0.11 -12.20 -14.80
N GLU A 179 0.98 -12.95 -14.85
CA GLU A 179 1.23 -13.75 -16.05
C GLU A 179 0.66 -15.16 -15.95
N LEU A 180 0.69 -15.75 -14.75
CA LEU A 180 0.28 -17.14 -14.61
C LEU A 180 -1.23 -17.29 -14.50
N GLY A 181 -1.97 -16.20 -14.27
CA GLY A 181 -3.42 -16.31 -14.23
C GLY A 181 -4.02 -16.79 -15.54
N GLU A 182 -3.39 -16.43 -16.66
CA GLU A 182 -3.85 -16.84 -17.99
C GLU A 182 -3.82 -18.35 -18.14
N TYR A 183 -2.99 -19.03 -17.34
CA TYR A 183 -2.87 -20.47 -17.31
C TYR A 183 -3.58 -21.09 -16.11
N ASN A 184 -4.45 -20.32 -15.46
CA ASN A 184 -5.24 -20.77 -14.32
C ASN A 184 -4.37 -21.16 -13.13
N ILE A 185 -3.28 -20.43 -12.93
CA ILE A 185 -2.37 -20.71 -11.82
C ILE A 185 -2.35 -19.53 -10.84
N PRO A 186 -2.99 -19.65 -9.69
CA PRO A 186 -2.91 -18.58 -8.68
C PRO A 186 -1.54 -18.55 -8.01
N VAL A 187 -1.10 -17.34 -7.65
CA VAL A 187 0.17 -17.13 -6.96
C VAL A 187 -0.08 -16.27 -5.72
N PHE A 188 0.41 -16.72 -4.58
CA PHE A 188 0.15 -16.05 -3.32
C PHE A 188 1.46 -15.86 -2.56
N ALA A 189 1.52 -14.80 -1.75
CA ALA A 189 2.56 -14.63 -0.76
C ALA A 189 1.92 -14.52 0.62
N ILE A 190 2.37 -15.36 1.56
CA ILE A 190 1.94 -15.29 2.95
C ILE A 190 3.09 -14.70 3.75
N GLY A 191 2.89 -13.51 4.31
CA GLY A 191 3.93 -12.86 5.06
C GLY A 191 3.64 -12.86 6.56
N PRO A 192 4.28 -13.75 7.30
CA PRO A 192 4.03 -13.83 8.75
C PRO A 192 4.89 -12.88 9.56
N ASN A 193 4.42 -12.64 10.78
CA ASN A 193 5.31 -12.20 11.84
C ASN A 193 4.76 -12.76 13.14
N TYR A 194 5.66 -13.02 14.08
CA TYR A 194 5.31 -13.60 15.38
C TYR A 194 4.62 -14.95 15.22
N LEU A 195 5.03 -15.71 14.19
CA LEU A 195 4.53 -17.06 14.00
C LEU A 195 5.37 -18.03 14.86
N HIS A 196 4.71 -18.67 15.82
CA HIS A 196 5.39 -19.67 16.64
C HIS A 196 5.97 -20.76 15.75
N SER A 197 7.27 -21.00 15.91
CA SER A 197 7.97 -21.96 15.08
C SER A 197 8.45 -23.17 15.88
N GLU A 198 7.97 -23.30 17.12
CA GLU A 198 8.19 -24.47 17.96
C GLU A 198 9.66 -24.69 18.26
N ASP A 199 10.28 -25.75 17.75
CA ASP A 199 11.70 -25.96 18.00
C ASP A 199 12.60 -25.28 16.99
N SER A 200 12.05 -24.70 15.92
CA SER A 200 12.88 -24.08 14.89
C SER A 200 13.28 -22.67 15.32
N PRO A 201 14.54 -22.28 15.10
CA PRO A 201 14.94 -20.90 15.40
C PRO A 201 14.40 -19.88 14.41
N TYR A 202 13.77 -20.32 13.32
CA TYR A 202 13.17 -19.41 12.34
C TYR A 202 11.65 -19.40 12.50
N PHE A 203 11.07 -18.39 13.14
CA PHE A 203 11.76 -17.25 13.71
C PHE A 203 11.36 -16.95 15.15
N TYR A 204 10.44 -17.74 15.69
CA TYR A 204 9.90 -17.51 17.02
C TYR A 204 9.76 -18.84 17.76
N PRO A 205 10.90 -19.42 18.16
CA PRO A 205 10.85 -20.69 18.91
C PRO A 205 10.18 -20.52 20.27
N THR A 206 9.64 -21.66 20.75
CA THR A 206 9.01 -21.71 22.08
C THR A 206 9.88 -21.06 23.14
N GLU A 207 11.15 -21.40 23.17
CA GLU A 207 12.11 -20.71 24.02
C GLU A 207 12.88 -19.73 23.15
N PRO A 208 12.77 -18.43 23.44
CA PRO A 208 12.19 -17.80 24.62
C PRO A 208 10.77 -17.26 24.50
N TRP A 209 10.15 -17.40 23.32
CA TRP A 209 9.01 -16.55 23.02
C TRP A 209 7.75 -16.91 23.79
N LYS A 210 7.65 -18.14 24.31
CA LYS A 210 6.57 -18.48 25.22
C LYS A 210 7.01 -18.67 26.66
N THR A 211 8.31 -18.64 26.93
CA THR A 211 8.83 -18.96 28.26
C THR A 211 9.42 -17.79 29.01
N ASN A 212 9.96 -16.78 28.32
CA ASN A 212 10.59 -15.65 29.02
C ASN A 212 9.61 -14.50 29.17
N PRO A 213 9.45 -13.94 30.38
CA PRO A 213 8.42 -12.90 30.58
C PRO A 213 8.57 -11.68 29.68
N GLU A 214 9.80 -11.19 29.46
CA GLU A 214 9.99 -10.01 28.62
C GLU A 214 9.50 -10.27 27.20
N HIS A 215 9.71 -11.49 26.70
CA HIS A 215 9.28 -11.84 25.36
C HIS A 215 7.77 -12.02 25.28
N VAL A 216 7.16 -12.66 26.29
CA VAL A 216 5.71 -12.76 26.34
C VAL A 216 5.09 -11.38 26.35
N ALA A 217 5.66 -10.45 27.13
CA ALA A 217 5.11 -9.11 27.21
C ALA A 217 5.27 -8.35 25.91
N HIS A 218 6.40 -8.54 25.22
CA HIS A 218 6.61 -7.89 23.93
C HIS A 218 5.53 -8.30 22.94
N VAL A 219 5.27 -9.61 22.84
CA VAL A 219 4.29 -10.11 21.89
C VAL A 219 2.89 -9.59 22.24
N LYS A 220 2.58 -9.45 23.53
CA LYS A 220 1.28 -8.89 23.91
C LYS A 220 1.17 -7.43 23.51
N LYS A 221 2.28 -6.70 23.49
CA LYS A 221 2.25 -5.28 23.16
C LYS A 221 2.10 -5.05 21.67
N VAL A 222 2.79 -5.84 20.84
CA VAL A 222 2.96 -5.47 19.43
C VAL A 222 2.00 -6.18 18.49
N THR A 223 1.24 -7.18 18.94
CA THR A 223 0.22 -7.80 18.13
C THR A 223 -1.16 -7.42 18.67
N ALA A 224 -2.14 -7.32 17.76
CA ALA A 224 -3.49 -6.98 18.21
C ALA A 224 -4.12 -8.12 18.98
N LEU A 225 -3.86 -9.37 18.56
CA LEU A 225 -4.42 -10.53 19.25
C LEU A 225 -3.65 -10.90 20.51
N GLN A 226 -2.51 -10.25 20.75
CA GLN A 226 -1.73 -10.39 21.98
C GLN A 226 -1.29 -11.84 22.21
N ARG A 227 -0.73 -12.45 21.15
CA ARG A 227 -0.26 -13.82 21.18
C ARG A 227 0.54 -14.09 19.91
N LEU A 228 1.35 -15.14 19.95
CA LEU A 228 1.96 -15.65 18.73
C LEU A 228 0.92 -16.32 17.85
N GLY A 229 1.18 -16.32 16.54
CA GLY A 229 0.39 -17.13 15.63
C GLY A 229 0.78 -18.59 15.70
N THR A 230 -0.15 -19.45 15.34
CA THR A 230 0.10 -20.88 15.46
C THR A 230 0.44 -21.52 14.12
N GLN A 231 1.20 -22.61 14.18
CA GLN A 231 1.45 -23.41 12.97
C GLN A 231 0.14 -23.86 12.35
N LYS A 232 -0.86 -24.18 13.18
CA LYS A 232 -2.16 -24.58 12.65
C LYS A 232 -2.79 -23.47 11.81
N GLU A 233 -2.72 -22.23 12.28
CA GLU A 233 -3.28 -21.12 11.51
C GLU A 233 -2.60 -20.98 10.16
N LEU A 234 -1.27 -21.01 10.15
CA LEU A 234 -0.54 -20.96 8.89
C LEU A 234 -0.95 -22.12 7.98
N GLY A 235 -0.97 -23.34 8.52
CA GLY A 235 -1.34 -24.50 7.71
C GLY A 235 -2.75 -24.42 7.15
N GLU A 236 -3.69 -23.90 7.95
CA GLU A 236 -5.06 -23.74 7.46
C GLU A 236 -5.11 -22.81 6.26
N LEU A 237 -4.37 -21.69 6.30
CA LEU A 237 -4.35 -20.77 5.17
C LEU A 237 -3.71 -21.42 3.94
N VAL A 238 -2.58 -22.11 4.12
CA VAL A 238 -1.90 -22.77 3.00
C VAL A 238 -2.83 -23.79 2.34
N ALA A 239 -3.47 -24.65 3.14
CA ALA A 239 -4.35 -25.66 2.55
C ALA A 239 -5.58 -25.03 1.91
N PHE A 240 -6.10 -23.95 2.51
CA PHE A 240 -7.23 -23.26 1.91
C PHE A 240 -6.86 -22.71 0.54
N LEU A 241 -5.72 -22.03 0.44
CA LEU A 241 -5.32 -21.46 -0.84
C LEU A 241 -5.02 -22.55 -1.87
N ALA A 242 -4.40 -23.65 -1.44
CA ALA A 242 -4.04 -24.74 -2.33
C ALA A 242 -5.24 -25.59 -2.75
N SER A 243 -6.39 -25.45 -2.07
CA SER A 243 -7.56 -26.28 -2.33
C SER A 243 -8.25 -25.94 -3.63
N GLY A 244 -7.95 -24.79 -4.22
CA GLY A 244 -8.73 -24.32 -5.35
C GLY A 244 -10.08 -23.75 -4.98
N SER A 245 -10.31 -23.49 -3.70
CA SER A 245 -11.58 -22.93 -3.25
C SER A 245 -11.67 -21.42 -3.42
N CYS A 246 -10.54 -20.73 -3.54
CA CYS A 246 -10.59 -19.27 -3.63
C CYS A 246 -9.43 -18.77 -4.48
N ASP A 247 -9.39 -19.25 -5.72
CA ASP A 247 -8.34 -18.85 -6.65
C ASP A 247 -8.39 -17.35 -6.95
N TYR A 248 -9.56 -16.72 -6.81
CA TYR A 248 -9.72 -15.31 -7.16
C TYR A 248 -8.93 -14.38 -6.25
N LEU A 249 -8.30 -14.88 -5.19
CA LEU A 249 -7.37 -14.09 -4.39
C LEU A 249 -5.99 -13.96 -5.01
N THR A 250 -5.77 -14.49 -6.21
CA THR A 250 -4.43 -14.52 -6.78
C THR A 250 -3.81 -13.12 -6.81
N GLY A 251 -2.52 -13.06 -6.46
CA GLY A 251 -1.80 -11.81 -6.35
C GLY A 251 -1.76 -11.22 -4.96
N GLN A 252 -2.53 -11.78 -4.02
CA GLN A 252 -2.58 -11.28 -2.66
C GLN A 252 -1.26 -11.49 -1.91
N VAL A 253 -0.86 -10.48 -1.15
CA VAL A 253 0.12 -10.62 -0.08
C VAL A 253 -0.68 -10.62 1.22
N PHE A 254 -0.67 -11.76 1.92
CA PHE A 254 -1.38 -11.90 3.18
C PHE A 254 -0.46 -11.50 4.32
N TRP A 255 -0.95 -10.67 5.22
CA TRP A 255 -0.18 -10.30 6.41
C TRP A 255 -0.68 -11.19 7.55
N LEU A 256 0.07 -12.26 7.82
CA LEU A 256 -0.30 -13.21 8.85
C LEU A 256 0.46 -12.87 10.13
N ALA A 257 0.02 -11.79 10.78
CA ALA A 257 0.83 -11.25 11.87
C ALA A 257 -0.04 -10.80 13.04
N GLY A 258 -1.28 -11.25 13.13
CA GLY A 258 -2.08 -11.06 14.33
C GLY A 258 -2.43 -9.62 14.62
N GLY A 259 -2.43 -8.76 13.62
CA GLY A 259 -2.68 -7.35 13.85
C GLY A 259 -1.44 -6.53 14.12
N PHE A 260 -0.27 -7.14 14.14
CA PHE A 260 0.98 -6.39 14.10
C PHE A 260 0.97 -5.51 12.85
N PRO A 261 1.52 -4.30 12.96
CA PRO A 261 2.07 -3.68 14.17
C PRO A 261 1.04 -2.88 14.96
N MET A 262 1.09 -3.00 16.28
CA MET A 262 0.43 -2.06 17.15
C MET A 262 1.32 -0.83 17.29
N ILE A 263 0.74 0.34 17.11
CA ILE A 263 1.47 1.60 17.04
C ILE A 263 1.41 2.30 18.39
N GLU A 264 2.57 2.69 18.91
CA GLU A 264 2.69 3.36 20.21
C GLU A 264 1.76 4.59 20.34
N ARG A 265 0.93 4.60 21.38
CA ARG A 265 0.00 5.72 21.57
C ARG A 265 0.60 6.83 22.45
N TRP A 266 -0.08 7.98 22.46
CA TRP A 266 0.38 9.20 23.14
C TRP A 266 0.53 8.98 24.64
N PRO A 267 1.31 9.84 25.32
CA PRO A 267 1.46 9.72 26.77
C PRO A 267 0.13 9.78 27.49
N GLY A 268 -0.01 8.94 28.52
CA GLY A 268 -1.20 8.89 29.33
C GLY A 268 -2.23 7.87 28.87
N MET A 269 -2.15 7.41 27.63
CA MET A 269 -3.12 6.44 27.15
C MET A 269 -2.72 5.03 27.60
N PRO A 270 -3.69 4.22 28.02
CA PRO A 270 -3.34 2.91 28.60
C PRO A 270 -2.84 1.92 27.57
N GLU A 271 -2.28 0.83 28.10
CA GLU A 271 -1.96 -0.39 27.34
C GLU A 271 -3.17 -0.95 26.62
N HIS B 18 -24.19 -23.82 18.15
CA HIS B 18 -24.78 -23.44 16.87
C HIS B 18 -24.59 -21.95 16.60
N ALA B 19 -23.53 -21.61 15.87
CA ALA B 19 -23.13 -20.22 15.67
C ALA B 19 -24.13 -19.47 14.80
N THR B 20 -24.30 -18.18 15.08
CA THR B 20 -25.25 -17.32 14.39
C THR B 20 -24.52 -16.26 13.58
N ALA B 21 -24.88 -16.14 12.30
CA ALA B 21 -24.30 -15.12 11.43
C ALA B 21 -25.39 -14.16 10.97
N ILE B 22 -24.99 -12.92 10.69
CA ILE B 22 -25.82 -11.96 9.99
C ILE B 22 -25.15 -11.64 8.67
N VAL B 23 -25.90 -11.75 7.57
CA VAL B 23 -25.47 -11.29 6.25
C VAL B 23 -26.45 -10.21 5.79
N THR B 24 -25.94 -9.02 5.51
CA THR B 24 -26.82 -7.94 5.06
C THR B 24 -26.91 -7.91 3.54
N ASN B 25 -27.94 -7.22 3.04
CA ASN B 25 -28.22 -7.08 1.60
C ASN B 25 -28.04 -8.40 0.87
N VAL B 26 -28.71 -9.43 1.40
CA VAL B 26 -28.36 -10.81 1.04
C VAL B 26 -28.61 -11.08 -0.44
N LYS B 27 -29.54 -10.37 -1.06
CA LYS B 27 -29.84 -10.61 -2.47
C LYS B 27 -28.77 -10.08 -3.42
N HIS B 28 -27.79 -9.32 -2.92
CA HIS B 28 -26.90 -8.53 -3.76
C HIS B 28 -25.44 -8.77 -3.41
N PHE B 29 -24.57 -8.47 -4.39
CA PHE B 29 -23.12 -8.34 -4.16
C PHE B 29 -22.60 -9.65 -3.58
N GLY B 30 -22.02 -9.65 -2.39
CA GLY B 30 -21.49 -10.89 -1.84
C GLY B 30 -22.46 -11.59 -0.91
N GLY B 31 -23.74 -11.21 -0.98
CA GLY B 31 -24.69 -11.70 0.01
C GLY B 31 -24.99 -13.18 -0.12
N MET B 32 -25.30 -13.64 -1.33
CA MET B 32 -25.73 -15.03 -1.46
C MET B 32 -24.57 -15.99 -1.24
N GLY B 33 -23.40 -15.69 -1.81
CA GLY B 33 -22.26 -16.55 -1.56
C GLY B 33 -21.93 -16.67 -0.09
N SER B 34 -21.96 -15.54 0.63
CA SER B 34 -21.72 -15.54 2.07
C SER B 34 -22.76 -16.38 2.81
N ALA B 35 -24.04 -16.12 2.54
CA ALA B 35 -25.09 -16.78 3.31
C ALA B 35 -25.12 -18.27 3.03
N LEU B 36 -25.00 -18.66 1.75
CA LEU B 36 -25.07 -20.07 1.40
C LEU B 36 -23.91 -20.85 2.00
N ARG B 37 -22.70 -20.29 1.93
CA ARG B 37 -21.56 -21.04 2.42
C ARG B 37 -21.51 -21.05 3.94
N LEU B 38 -21.94 -19.96 4.60
CA LEU B 38 -22.00 -19.97 6.05
C LEU B 38 -23.02 -21.00 6.55
N SER B 39 -24.15 -21.14 5.85
CA SER B 39 -25.12 -22.16 6.24
C SER B 39 -24.57 -23.56 6.04
N GLU B 40 -23.88 -23.79 4.92
CA GLU B 40 -23.25 -25.08 4.67
C GLU B 40 -22.26 -25.43 5.78
N ALA B 41 -21.62 -24.42 6.37
CA ALA B 41 -20.67 -24.63 7.46
C ALA B 41 -21.36 -24.79 8.82
N GLY B 42 -22.68 -24.73 8.87
CA GLY B 42 -23.41 -25.00 10.09
C GLY B 42 -23.91 -23.79 10.84
N HIS B 43 -23.77 -22.58 10.29
CA HIS B 43 -24.31 -21.41 10.93
C HIS B 43 -25.81 -21.30 10.71
N THR B 44 -26.50 -20.79 11.74
CA THR B 44 -27.78 -20.13 11.51
C THR B 44 -27.51 -18.78 10.87
N VAL B 45 -28.07 -18.53 9.69
CA VAL B 45 -27.74 -17.31 8.95
C VAL B 45 -28.98 -16.42 8.89
N ALA B 46 -29.00 -15.40 9.75
CA ALA B 46 -30.02 -14.37 9.67
C ALA B 46 -29.68 -13.43 8.52
N CYS B 47 -30.64 -13.18 7.64
CA CYS B 47 -30.39 -12.43 6.41
C CYS B 47 -31.22 -11.15 6.41
N HIS B 48 -30.55 -10.04 6.09
CA HIS B 48 -31.19 -8.75 5.92
C HIS B 48 -31.23 -8.42 4.42
N ASP B 49 -32.26 -7.68 4.02
CA ASP B 49 -32.34 -7.15 2.66
C ASP B 49 -33.41 -6.07 2.64
N GLU B 50 -33.20 -5.06 1.80
CA GLU B 50 -34.19 -3.98 1.71
C GLU B 50 -35.56 -4.51 1.32
N SER B 51 -35.61 -5.56 0.51
CA SER B 51 -36.89 -6.07 0.04
C SER B 51 -37.67 -6.79 1.13
N PHE B 52 -37.00 -7.19 2.22
CA PHE B 52 -37.66 -7.93 3.29
C PHE B 52 -38.57 -7.06 4.15
N LYS B 53 -38.62 -5.75 3.88
CA LYS B 53 -39.66 -4.90 4.48
C LYS B 53 -41.05 -5.39 4.09
N GLN B 54 -41.18 -6.05 2.95
N GLN B 54 -41.18 -6.04 2.95
CA GLN B 54 -42.45 -6.57 2.49
CA GLN B 54 -42.46 -6.58 2.48
C GLN B 54 -42.55 -8.06 2.83
C GLN B 54 -42.55 -8.05 2.83
N LYS B 55 -43.63 -8.43 3.52
CA LYS B 55 -43.85 -9.80 3.94
C LYS B 55 -43.75 -10.80 2.79
N ASP B 56 -44.34 -10.47 1.64
CA ASP B 56 -44.34 -11.42 0.53
C ASP B 56 -42.93 -11.69 0.03
N GLU B 57 -42.10 -10.66 -0.03
CA GLU B 57 -40.72 -10.85 -0.49
C GLU B 57 -39.91 -11.65 0.52
N LEU B 58 -40.10 -11.37 1.82
CA LEU B 58 -39.43 -12.16 2.84
C LEU B 58 -39.84 -13.64 2.75
N GLU B 59 -41.15 -13.89 2.62
CA GLU B 59 -41.60 -15.26 2.64
C GLU B 59 -41.21 -16.02 1.37
N ALA B 60 -41.16 -15.33 0.22
CA ALA B 60 -40.70 -16.01 -1.00
C ALA B 60 -39.24 -16.41 -0.86
N PHE B 61 -38.42 -15.53 -0.29
CA PHE B 61 -37.02 -15.88 -0.02
C PHE B 61 -36.92 -17.06 0.93
N ALA B 62 -37.71 -17.03 2.01
CA ALA B 62 -37.68 -18.11 3.00
C ALA B 62 -38.06 -19.45 2.38
N GLU B 63 -38.98 -19.46 1.41
N GLU B 63 -38.97 -19.46 1.41
CA GLU B 63 -39.37 -20.72 0.77
CA GLU B 63 -39.38 -20.71 0.77
C GLU B 63 -38.29 -21.20 -0.18
C GLU B 63 -38.30 -21.20 -0.20
N THR B 64 -37.67 -20.29 -0.93
CA THR B 64 -36.63 -20.70 -1.87
C THR B 64 -35.39 -21.20 -1.14
N TYR B 65 -35.07 -20.60 0.01
CA TYR B 65 -33.85 -20.88 0.77
C TYR B 65 -34.25 -21.28 2.18
N PRO B 66 -34.76 -22.50 2.35
CA PRO B 66 -35.22 -22.92 3.69
C PRO B 66 -34.11 -23.03 4.72
N GLN B 67 -32.83 -23.05 4.31
CA GLN B 67 -31.72 -23.05 5.25
C GLN B 67 -31.37 -21.66 5.77
N LEU B 68 -31.96 -20.60 5.21
CA LEU B 68 -31.66 -19.22 5.61
C LEU B 68 -32.82 -18.64 6.39
N LYS B 69 -32.53 -17.64 7.21
CA LYS B 69 -33.55 -17.03 8.08
C LYS B 69 -33.66 -15.54 7.76
N PRO B 70 -34.50 -15.17 6.78
CA PRO B 70 -34.66 -13.75 6.46
C PRO B 70 -35.38 -13.00 7.57
N MET B 71 -34.86 -11.81 7.86
CA MET B 71 -35.39 -10.88 8.85
C MET B 71 -35.98 -9.68 8.14
N SER B 72 -37.00 -9.05 8.76
CA SER B 72 -37.57 -7.83 8.18
C SER B 72 -36.87 -6.56 8.65
N GLU B 73 -36.15 -6.59 9.77
CA GLU B 73 -35.56 -5.39 10.34
C GLU B 73 -34.54 -4.76 9.40
N GLN B 74 -34.57 -3.43 9.32
CA GLN B 74 -33.78 -2.69 8.36
C GLN B 74 -32.59 -1.94 8.97
N GLU B 75 -32.80 -1.28 10.13
CA GLU B 75 -31.78 -0.41 10.70
C GLU B 75 -30.80 -1.21 11.57
N PRO B 76 -29.55 -0.75 11.67
CA PRO B 76 -28.53 -1.56 12.37
C PRO B 76 -28.89 -1.95 13.80
N ALA B 77 -29.28 -0.99 14.64
CA ALA B 77 -29.59 -1.32 16.03
C ALA B 77 -30.74 -2.33 16.10
N GLU B 78 -31.79 -2.11 15.31
CA GLU B 78 -32.95 -2.99 15.33
C GLU B 78 -32.61 -4.39 14.81
N LEU B 79 -31.76 -4.47 13.78
CA LEU B 79 -31.38 -5.76 13.22
C LEU B 79 -30.55 -6.58 14.22
N ILE B 80 -29.51 -5.97 14.82
CA ILE B 80 -28.72 -6.69 15.81
C ILE B 80 -29.60 -7.16 16.96
N GLU B 81 -30.50 -6.31 17.44
N GLU B 81 -30.49 -6.28 17.45
CA GLU B 81 -31.30 -6.74 18.60
CA GLU B 81 -31.39 -6.61 18.55
C GLU B 81 -32.31 -7.83 18.20
C GLU B 81 -32.29 -7.78 18.19
N ALA B 82 -32.87 -7.76 17.00
CA ALA B 82 -33.82 -8.80 16.58
C ALA B 82 -33.14 -10.16 16.44
N VAL B 83 -31.94 -10.19 15.87
CA VAL B 83 -31.22 -11.45 15.74
C VAL B 83 -30.80 -11.97 17.10
N THR B 84 -30.38 -11.07 17.98
CA THR B 84 -29.99 -11.48 19.32
C THR B 84 -31.17 -12.04 20.09
N SER B 85 -32.35 -11.43 19.95
CA SER B 85 -33.54 -11.94 20.62
C SER B 85 -33.94 -13.31 20.07
N ALA B 86 -33.91 -13.46 18.74
CA ALA B 86 -34.39 -14.68 18.12
C ALA B 86 -33.43 -15.86 18.28
N TYR B 87 -32.12 -15.59 18.24
CA TYR B 87 -31.14 -16.67 18.20
C TYR B 87 -30.10 -16.61 19.31
N GLY B 88 -30.20 -15.66 20.24
CA GLY B 88 -29.36 -15.66 21.42
C GLY B 88 -28.23 -14.65 21.34
N GLN B 89 -27.57 -14.60 20.19
CA GLN B 89 -26.37 -13.77 20.06
C GLN B 89 -26.00 -13.69 18.60
N VAL B 90 -25.07 -12.80 18.28
CA VAL B 90 -24.54 -12.65 16.92
C VAL B 90 -23.07 -13.02 16.99
N ASP B 91 -22.69 -14.13 16.35
CA ASP B 91 -21.30 -14.57 16.39
C ASP B 91 -20.48 -14.04 15.23
N VAL B 92 -21.11 -13.85 14.07
CA VAL B 92 -20.45 -13.42 12.85
C VAL B 92 -21.27 -12.31 12.21
N LEU B 93 -20.65 -11.17 11.94
CA LEU B 93 -21.27 -10.09 11.18
C LEU B 93 -20.62 -10.02 9.81
N VAL B 94 -21.42 -10.16 8.75
CA VAL B 94 -20.96 -9.93 7.38
C VAL B 94 -21.69 -8.68 6.88
N SER B 95 -20.98 -7.55 6.89
CA SER B 95 -21.56 -6.30 6.42
C SER B 95 -21.30 -6.23 4.92
N ASN B 96 -22.31 -6.62 4.15
CA ASN B 96 -22.25 -6.74 2.70
C ASN B 96 -22.86 -5.45 2.14
N ASP B 97 -22.03 -4.43 2.04
CA ASP B 97 -22.53 -3.09 1.78
C ASP B 97 -22.57 -2.77 0.30
N ILE B 98 -23.63 -2.06 -0.11
CA ILE B 98 -23.88 -1.75 -1.51
C ILE B 98 -24.32 -0.30 -1.65
N PHE B 99 -24.11 0.22 -2.85
CA PHE B 99 -24.50 1.55 -3.28
C PHE B 99 -24.33 1.54 -4.80
N ALA B 100 -25.21 2.23 -5.51
CA ALA B 100 -25.05 2.24 -6.98
C ALA B 100 -23.85 3.10 -7.37
N PRO B 101 -22.86 2.56 -8.09
CA PRO B 101 -21.75 3.39 -8.57
C PRO B 101 -22.24 4.35 -9.64
N GLU B 102 -22.06 5.64 -9.41
CA GLU B 102 -22.44 6.65 -10.39
C GLU B 102 -21.19 7.36 -10.86
N PHE B 103 -20.88 7.25 -12.15
CA PHE B 103 -19.69 7.89 -12.72
C PHE B 103 -20.04 9.33 -13.09
N GLN B 104 -19.30 10.29 -12.54
CA GLN B 104 -19.42 11.69 -12.94
C GLN B 104 -18.06 12.35 -12.85
N PRO B 105 -17.79 13.36 -13.69
CA PRO B 105 -16.72 14.30 -13.37
C PRO B 105 -17.01 14.95 -12.04
N ILE B 106 -15.96 15.25 -11.29
CA ILE B 106 -16.12 15.70 -9.89
C ILE B 106 -17.08 16.88 -9.81
N ASP B 107 -17.02 17.82 -10.75
CA ASP B 107 -17.85 19.00 -10.65
C ASP B 107 -19.31 18.75 -11.03
N LYS B 108 -19.61 17.60 -11.63
CA LYS B 108 -20.99 17.31 -12.02
C LYS B 108 -21.76 16.53 -10.95
N TYR B 109 -21.08 15.95 -9.98
CA TYR B 109 -21.78 15.42 -8.81
C TYR B 109 -22.47 16.55 -8.06
N ALA B 110 -23.53 16.19 -7.33
CA ALA B 110 -23.96 16.98 -6.19
C ALA B 110 -23.19 16.51 -4.97
N VAL B 111 -22.96 17.42 -4.02
CA VAL B 111 -22.30 16.99 -2.78
C VAL B 111 -23.10 15.89 -2.11
N GLU B 112 -24.43 15.93 -2.24
CA GLU B 112 -25.27 14.88 -1.66
C GLU B 112 -24.95 13.51 -2.26
N ASP B 113 -24.42 13.46 -3.49
CA ASP B 113 -24.05 12.17 -4.08
C ASP B 113 -22.88 11.54 -3.33
N TYR B 114 -21.95 12.34 -2.83
CA TYR B 114 -20.90 11.79 -1.99
C TYR B 114 -21.42 11.42 -0.61
N ARG B 115 -22.26 12.29 -0.04
CA ARG B 115 -22.86 11.97 1.25
C ARG B 115 -23.61 10.64 1.18
N GLY B 116 -24.35 10.40 0.09
CA GLY B 116 -25.08 9.14 -0.02
C GLY B 116 -24.14 7.94 -0.06
N ALA B 117 -23.01 8.08 -0.78
CA ALA B 117 -22.04 6.99 -0.86
C ALA B 117 -21.43 6.70 0.50
N VAL B 118 -21.03 7.74 1.23
N VAL B 118 -21.04 7.74 1.25
CA VAL B 118 -20.44 7.55 2.54
CA VAL B 118 -20.41 7.48 2.54
C VAL B 118 -21.44 6.90 3.49
C VAL B 118 -21.43 6.96 3.55
N GLU B 119 -22.70 7.33 3.44
CA GLU B 119 -23.69 6.79 4.35
C GLU B 119 -23.88 5.29 4.12
N ALA B 120 -23.93 4.87 2.86
CA ALA B 120 -24.17 3.47 2.54
C ALA B 120 -22.94 2.60 2.71
N LEU B 121 -21.74 3.16 2.50
CA LEU B 121 -20.54 2.35 2.40
C LEU B 121 -19.58 2.50 3.57
N GLN B 122 -19.73 3.54 4.39
CA GLN B 122 -18.92 3.74 5.58
C GLN B 122 -19.75 3.77 6.84
N ILE B 123 -20.76 4.65 6.89
N ILE B 123 -20.76 4.63 6.91
CA ILE B 123 -21.53 4.82 8.13
CA ILE B 123 -21.49 4.79 8.16
C ILE B 123 -22.28 3.54 8.46
C ILE B 123 -22.30 3.54 8.47
N ARG B 124 -22.82 2.86 7.45
CA ARG B 124 -23.61 1.65 7.71
C ARG B 124 -22.78 0.53 8.32
N PRO B 125 -21.61 0.12 7.78
CA PRO B 125 -20.82 -0.88 8.51
C PRO B 125 -20.38 -0.39 9.88
N PHE B 126 -20.03 0.90 10.00
CA PHE B 126 -19.70 1.44 11.32
C PHE B 126 -20.84 1.26 12.30
N ALA B 127 -22.07 1.55 11.86
CA ALA B 127 -23.21 1.45 12.76
C ALA B 127 -23.47 0.01 13.18
N LEU B 128 -23.26 -0.94 12.28
CA LEU B 128 -23.47 -2.34 12.62
C LEU B 128 -22.43 -2.81 13.64
N VAL B 129 -21.15 -2.46 13.44
CA VAL B 129 -20.16 -2.83 14.43
C VAL B 129 -20.44 -2.13 15.75
N ASN B 130 -20.78 -0.84 15.70
CA ASN B 130 -21.12 -0.07 16.89
C ASN B 130 -22.24 -0.74 17.70
N ALA B 131 -23.17 -1.40 17.01
CA ALA B 131 -24.30 -2.03 17.68
C ALA B 131 -24.00 -3.43 18.22
N VAL B 132 -23.06 -4.16 17.60
CA VAL B 132 -22.82 -5.55 17.96
C VAL B 132 -21.56 -5.75 18.80
N ALA B 133 -20.65 -4.77 18.82
CA ALA B 133 -19.33 -5.02 19.40
C ALA B 133 -19.39 -5.32 20.88
N SER B 134 -20.32 -4.70 21.61
N SER B 134 -20.32 -4.68 21.61
CA SER B 134 -20.32 -4.88 23.06
CA SER B 134 -20.35 -4.87 23.05
C SER B 134 -20.62 -6.33 23.45
C SER B 134 -20.59 -6.34 23.41
N GLN B 135 -21.55 -6.99 22.75
CA GLN B 135 -21.85 -8.37 23.08
C GLN B 135 -20.69 -9.30 22.71
N MET B 136 -20.01 -9.03 21.58
CA MET B 136 -18.83 -9.81 21.23
C MET B 136 -17.71 -9.59 22.23
N LYS B 137 -17.48 -8.35 22.64
CA LYS B 137 -16.39 -8.06 23.56
C LYS B 137 -16.62 -8.69 24.92
N LYS B 138 -17.87 -8.70 25.39
CA LYS B 138 -18.16 -9.24 26.72
C LYS B 138 -17.83 -10.72 26.82
N ARG B 139 -18.06 -11.49 25.77
CA ARG B 139 -17.73 -12.90 25.77
C ARG B 139 -16.38 -13.19 25.11
N LYS B 140 -15.69 -12.16 24.61
CA LYS B 140 -14.38 -12.31 23.98
C LYS B 140 -14.42 -13.32 22.83
N SER B 141 -15.43 -13.18 21.97
CA SER B 141 -15.47 -13.99 20.76
C SER B 141 -16.37 -13.32 19.74
N GLY B 142 -16.07 -13.55 18.47
CA GLY B 142 -16.79 -12.93 17.38
C GLY B 142 -15.89 -12.75 16.17
N HIS B 143 -16.53 -12.55 15.03
CA HIS B 143 -15.83 -12.26 13.77
C HIS B 143 -16.62 -11.20 13.03
N ILE B 144 -15.91 -10.22 12.47
CA ILE B 144 -16.51 -9.12 11.74
C ILE B 144 -15.88 -9.09 10.35
N ILE B 145 -16.72 -9.14 9.32
CA ILE B 145 -16.27 -9.12 7.93
C ILE B 145 -17.01 -8.00 7.19
N PHE B 146 -16.27 -7.07 6.60
CA PHE B 146 -16.88 -6.12 5.67
C PHE B 146 -16.63 -6.61 4.25
N ILE B 147 -17.67 -6.56 3.42
N ILE B 147 -17.65 -6.53 3.41
CA ILE B 147 -17.50 -6.70 1.97
CA ILE B 147 -17.46 -6.71 1.97
C ILE B 147 -17.44 -5.30 1.40
C ILE B 147 -17.45 -5.32 1.34
N THR B 148 -16.29 -4.92 0.84
CA THR B 148 -16.06 -3.55 0.42
C THR B 148 -15.87 -3.48 -1.09
N SER B 149 -14.63 -3.22 -1.55
CA SER B 149 -14.37 -3.10 -2.97
C SER B 149 -12.87 -3.06 -3.18
N ALA B 150 -12.42 -3.58 -4.34
CA ALA B 150 -11.04 -3.41 -4.76
C ALA B 150 -10.84 -2.15 -5.59
N THR B 151 -11.87 -1.34 -5.79
CA THR B 151 -11.67 -0.11 -6.56
C THR B 151 -10.60 0.81 -5.97
N PRO B 152 -10.40 0.92 -4.64
CA PRO B 152 -9.30 1.78 -4.18
C PRO B 152 -7.95 1.31 -4.66
N PHE B 153 -7.80 0.01 -4.92
CA PHE B 153 -6.51 -0.49 -5.36
C PHE B 153 -6.13 0.07 -6.73
N GLY B 154 -7.12 0.35 -7.56
CA GLY B 154 -6.89 0.87 -8.89
C GLY B 154 -8.12 1.60 -9.39
N PRO B 155 -8.25 2.87 -9.03
CA PRO B 155 -9.48 3.61 -9.35
C PRO B 155 -9.63 3.82 -10.84
N TRP B 156 -10.88 3.69 -11.31
CA TRP B 156 -11.26 4.19 -12.61
C TRP B 156 -11.45 5.69 -12.52
N LYS B 157 -11.17 6.40 -13.60
CA LYS B 157 -11.48 7.82 -13.55
C LYS B 157 -12.99 8.03 -13.53
N GLU B 158 -13.39 9.08 -12.80
CA GLU B 158 -14.76 9.56 -12.66
C GLU B 158 -15.63 8.68 -11.77
N LEU B 159 -15.03 8.00 -10.80
CA LEU B 159 -15.83 7.31 -9.78
C LEU B 159 -15.31 7.69 -8.39
N SER B 160 -15.15 8.99 -8.13
CA SER B 160 -14.44 9.41 -6.93
C SER B 160 -15.27 9.17 -5.66
N THR B 161 -16.60 9.25 -5.76
CA THR B 161 -17.44 9.10 -4.57
C THR B 161 -17.39 7.65 -4.05
N TYR B 162 -17.84 6.72 -4.89
CA TYR B 162 -17.87 5.31 -4.54
C TYR B 162 -16.49 4.80 -4.14
N THR B 163 -15.46 5.16 -4.92
CA THR B 163 -14.14 4.59 -4.67
C THR B 163 -13.58 5.04 -3.34
N SER B 164 -13.70 6.34 -3.03
CA SER B 164 -13.12 6.79 -1.77
C SER B 164 -13.91 6.34 -0.56
N ALA B 165 -15.24 6.20 -0.67
CA ALA B 165 -16.01 5.66 0.45
C ALA B 165 -15.59 4.22 0.75
N ARG B 166 -15.38 3.42 -0.30
CA ARG B 166 -14.92 2.05 -0.09
C ARG B 166 -13.58 2.02 0.63
N ALA B 167 -12.66 2.95 0.29
CA ALA B 167 -11.37 2.98 0.97
C ALA B 167 -11.55 3.32 2.45
N GLY B 168 -12.46 4.23 2.76
CA GLY B 168 -12.77 4.50 4.16
C GLY B 168 -13.20 3.25 4.90
N ALA B 169 -14.04 2.42 4.26
CA ALA B 169 -14.48 1.18 4.89
C ALA B 169 -13.31 0.21 5.10
N ASN B 170 -12.40 0.13 4.13
CA ASN B 170 -11.22 -0.74 4.30
C ASN B 170 -10.39 -0.31 5.51
N THR B 171 -10.11 0.99 5.61
CA THR B 171 -9.33 1.47 6.76
C THR B 171 -10.10 1.31 8.06
N LEU B 172 -11.43 1.49 8.01
CA LEU B 172 -12.24 1.24 9.22
C LEU B 172 -12.03 -0.18 9.71
N ALA B 173 -12.10 -1.16 8.81
CA ALA B 173 -11.86 -2.56 9.21
C ALA B 173 -10.48 -2.73 9.81
N ASN B 174 -9.45 -2.16 9.15
CA ASN B 174 -8.09 -2.35 9.64
C ASN B 174 -7.90 -1.68 10.99
N ALA B 175 -8.45 -0.47 11.15
CA ALA B 175 -8.34 0.22 12.43
C ALA B 175 -9.07 -0.54 13.52
N LEU B 176 -10.28 -1.03 13.22
CA LEU B 176 -11.03 -1.79 14.23
C LEU B 176 -10.28 -3.04 14.67
N SER B 177 -9.52 -3.67 13.77
CA SER B 177 -8.78 -4.87 14.16
C SER B 177 -7.82 -4.60 15.32
N LYS B 178 -7.27 -3.38 15.39
CA LYS B 178 -6.27 -3.05 16.41
C LYS B 178 -6.87 -3.02 17.81
N GLU B 179 -8.11 -2.57 17.93
CA GLU B 179 -8.72 -2.52 19.25
C GLU B 179 -9.46 -3.81 19.59
N LEU B 180 -10.06 -4.49 18.61
CA LEU B 180 -10.87 -5.65 18.94
C LEU B 180 -10.04 -6.92 19.12
N GLY B 181 -8.77 -6.93 18.71
CA GLY B 181 -7.95 -8.12 18.90
C GLY B 181 -7.75 -8.46 20.37
N GLU B 182 -7.72 -7.44 21.23
CA GLU B 182 -7.60 -7.65 22.67
C GLU B 182 -8.77 -8.47 23.21
N TYR B 183 -9.91 -8.41 22.54
CA TYR B 183 -11.10 -9.16 22.89
C TYR B 183 -11.27 -10.42 22.03
N ASN B 184 -10.23 -10.81 21.31
CA ASN B 184 -10.21 -12.02 20.48
C ASN B 184 -11.24 -11.96 19.35
N ILE B 185 -11.43 -10.78 18.77
CA ILE B 185 -12.38 -10.57 17.69
C ILE B 185 -11.61 -10.15 16.44
N PRO B 186 -11.43 -11.04 15.47
CA PRO B 186 -10.81 -10.63 14.20
C PRO B 186 -11.74 -9.76 13.37
N VAL B 187 -11.13 -8.83 12.63
CA VAL B 187 -11.85 -7.92 11.74
C VAL B 187 -11.20 -7.99 10.37
N PHE B 188 -12.01 -8.21 9.33
CA PHE B 188 -11.52 -8.36 7.97
C PHE B 188 -12.32 -7.50 7.00
N ALA B 189 -11.66 -7.07 5.92
CA ALA B 189 -12.35 -6.47 4.79
C ALA B 189 -12.03 -7.31 3.56
N ILE B 190 -13.07 -7.69 2.83
CA ILE B 190 -12.93 -8.39 1.56
C ILE B 190 -13.33 -7.39 0.48
N GLY B 191 -12.38 -6.99 -0.35
CA GLY B 191 -12.66 -6.03 -1.39
C GLY B 191 -12.67 -6.67 -2.76
N PRO B 192 -13.84 -6.93 -3.33
CA PRO B 192 -13.90 -7.62 -4.62
C PRO B 192 -13.84 -6.66 -5.80
N ASN B 193 -13.52 -7.22 -6.95
CA ASN B 193 -13.92 -6.61 -8.21
C ASN B 193 -14.18 -7.74 -9.19
N TYR B 194 -15.07 -7.48 -10.15
CA TYR B 194 -15.46 -8.45 -11.17
C TYR B 194 -16.00 -9.73 -10.53
N LEU B 195 -16.74 -9.56 -9.43
CA LEU B 195 -17.42 -10.66 -8.75
C LEU B 195 -18.79 -10.85 -9.41
N HIS B 196 -18.98 -12.01 -10.05
CA HIS B 196 -20.28 -12.33 -10.63
C HIS B 196 -21.37 -12.27 -9.56
N SER B 197 -22.41 -11.49 -9.84
CA SER B 197 -23.49 -11.27 -8.88
C SER B 197 -24.81 -11.87 -9.35
N GLU B 198 -24.76 -12.74 -10.38
CA GLU B 198 -25.90 -13.50 -10.87
C GLU B 198 -27.04 -12.56 -11.33
N ASP B 199 -28.18 -12.54 -10.66
CA ASP B 199 -29.23 -11.64 -11.12
C ASP B 199 -29.22 -10.29 -10.43
N SER B 200 -28.30 -10.04 -9.49
CA SER B 200 -28.24 -8.74 -8.83
C SER B 200 -27.47 -7.74 -9.68
N PRO B 201 -27.92 -6.48 -9.75
CA PRO B 201 -27.15 -5.47 -10.48
C PRO B 201 -25.91 -4.99 -9.74
N TYR B 202 -25.71 -5.41 -8.50
CA TYR B 202 -24.53 -5.04 -7.74
C TYR B 202 -23.53 -6.23 -7.69
N PHE B 203 -22.49 -6.26 -8.52
CA PHE B 203 -22.14 -5.22 -9.49
C PHE B 203 -21.81 -5.80 -10.86
N TYR B 204 -21.89 -7.12 -11.00
CA TYR B 204 -21.56 -7.80 -12.27
C TYR B 204 -22.58 -8.89 -12.57
N PRO B 205 -23.80 -8.51 -12.97
CA PRO B 205 -24.81 -9.52 -13.31
C PRO B 205 -24.46 -10.31 -14.55
N THR B 206 -25.04 -11.52 -14.63
CA THR B 206 -24.82 -12.43 -15.76
C THR B 206 -24.99 -11.73 -17.09
N GLU B 207 -26.07 -10.96 -17.22
N GLU B 207 -26.06 -10.96 -17.22
CA GLU B 207 -26.25 -10.08 -18.36
CA GLU B 207 -26.27 -10.07 -18.36
C GLU B 207 -25.93 -8.68 -17.88
C GLU B 207 -25.94 -8.67 -17.88
N PRO B 208 -24.92 -8.02 -18.49
CA PRO B 208 -24.18 -8.40 -19.69
C PRO B 208 -22.85 -9.11 -19.52
N TRP B 209 -22.40 -9.36 -18.28
CA TRP B 209 -20.99 -9.64 -18.07
C TRP B 209 -20.57 -11.04 -18.49
N LYS B 210 -21.49 -11.98 -18.62
CA LYS B 210 -21.18 -13.27 -19.19
C LYS B 210 -21.82 -13.47 -20.56
N THR B 211 -22.59 -12.50 -21.03
CA THR B 211 -23.41 -12.70 -22.22
C THR B 211 -23.01 -11.84 -23.41
N ASN B 212 -22.50 -10.62 -23.17
CA ASN B 212 -22.20 -9.70 -24.26
C ASN B 212 -20.73 -9.78 -24.61
N PRO B 213 -20.39 -9.99 -25.88
CA PRO B 213 -18.97 -10.24 -26.23
C PRO B 213 -18.02 -9.15 -25.79
N GLU B 214 -18.42 -7.88 -25.88
N GLU B 214 -18.42 -7.87 -25.90
CA GLU B 214 -17.54 -6.78 -25.46
CA GLU B 214 -17.55 -6.79 -25.45
C GLU B 214 -17.27 -6.84 -23.96
C GLU B 214 -17.25 -6.89 -23.96
N HIS B 215 -18.27 -7.24 -23.17
CA HIS B 215 -18.05 -7.35 -21.73
C HIS B 215 -17.19 -8.56 -21.40
N VAL B 216 -17.45 -9.69 -22.05
CA VAL B 216 -16.61 -10.87 -21.87
C VAL B 216 -15.16 -10.55 -22.19
N ALA B 217 -14.93 -9.81 -23.28
CA ALA B 217 -13.57 -9.46 -23.67
C ALA B 217 -12.92 -8.52 -22.67
N HIS B 218 -13.70 -7.58 -22.12
CA HIS B 218 -13.16 -6.68 -21.10
C HIS B 218 -12.70 -7.47 -19.88
N VAL B 219 -13.53 -8.40 -19.41
CA VAL B 219 -13.15 -9.18 -18.22
C VAL B 219 -11.88 -9.98 -18.50
N LYS B 220 -11.74 -10.51 -19.73
CA LYS B 220 -10.54 -11.27 -20.06
C LYS B 220 -9.31 -10.39 -20.07
N LYS B 221 -9.47 -9.11 -20.44
CA LYS B 221 -8.33 -8.20 -20.51
C LYS B 221 -7.88 -7.75 -19.13
N VAL B 222 -8.82 -7.45 -18.23
CA VAL B 222 -8.47 -6.70 -17.02
C VAL B 222 -8.25 -7.56 -15.79
N THR B 223 -8.56 -8.86 -15.83
CA THR B 223 -8.28 -9.77 -14.73
C THR B 223 -7.18 -10.73 -15.16
N ALA B 224 -6.35 -11.17 -14.19
CA ALA B 224 -5.30 -12.12 -14.53
C ALA B 224 -5.88 -13.49 -14.84
N LEU B 225 -6.93 -13.90 -14.11
CA LEU B 225 -7.55 -15.20 -14.36
C LEU B 225 -8.52 -15.17 -15.53
N GLN B 226 -8.78 -13.99 -16.11
CA GLN B 226 -9.56 -13.84 -17.34
C GLN B 226 -10.96 -14.43 -17.20
N ARG B 227 -11.62 -14.11 -16.09
CA ARG B 227 -12.99 -14.52 -15.81
C ARG B 227 -13.51 -13.71 -14.64
N LEU B 228 -14.83 -13.72 -14.46
CA LEU B 228 -15.42 -13.19 -13.25
C LEU B 228 -15.14 -14.12 -12.07
N GLY B 229 -15.11 -13.55 -10.87
CA GLY B 229 -15.08 -14.35 -9.67
C GLY B 229 -16.46 -14.91 -9.38
N THR B 230 -16.49 -16.02 -8.66
CA THR B 230 -17.75 -16.69 -8.38
C THR B 230 -18.24 -16.40 -6.97
N GLN B 231 -19.56 -16.49 -6.79
CA GLN B 231 -20.13 -16.42 -5.45
C GLN B 231 -19.55 -17.48 -4.55
N LYS B 232 -19.25 -18.67 -5.12
CA LYS B 232 -18.65 -19.72 -4.30
C LYS B 232 -17.29 -19.31 -3.75
N GLU B 233 -16.46 -18.68 -4.57
CA GLU B 233 -15.16 -18.22 -4.08
C GLU B 233 -15.31 -17.20 -2.95
N LEU B 234 -16.22 -16.24 -3.12
CA LEU B 234 -16.45 -15.26 -2.06
C LEU B 234 -16.94 -15.96 -0.79
N GLY B 235 -17.95 -16.83 -0.93
CA GLY B 235 -18.48 -17.53 0.23
C GLY B 235 -17.45 -18.42 0.93
N GLU B 236 -16.58 -19.07 0.15
CA GLU B 236 -15.55 -19.90 0.77
C GLU B 236 -14.62 -19.05 1.64
N LEU B 237 -14.23 -17.87 1.15
CA LEU B 237 -13.39 -17.00 1.97
C LEU B 237 -14.12 -16.52 3.22
N VAL B 238 -15.40 -16.13 3.07
CA VAL B 238 -16.18 -15.67 4.22
C VAL B 238 -16.26 -16.76 5.28
N ALA B 239 -16.61 -17.99 4.87
CA ALA B 239 -16.73 -19.08 5.84
C ALA B 239 -15.39 -19.44 6.45
N PHE B 240 -14.33 -19.41 5.65
CA PHE B 240 -12.99 -19.70 6.17
C PHE B 240 -12.62 -18.70 7.26
N LEU B 241 -12.82 -17.41 7.00
CA LEU B 241 -12.49 -16.40 8.00
C LEU B 241 -13.37 -16.54 9.23
N ALA B 242 -14.66 -16.84 9.04
CA ALA B 242 -15.58 -16.93 10.16
C ALA B 242 -15.39 -18.21 10.96
N SER B 243 -14.63 -19.16 10.44
CA SER B 243 -14.47 -20.47 11.09
C SER B 243 -13.61 -20.42 12.33
N GLY B 244 -12.79 -19.38 12.49
CA GLY B 244 -11.80 -19.39 13.54
C GLY B 244 -10.56 -20.18 13.21
N SER B 245 -10.42 -20.58 11.95
CA SER B 245 -9.25 -21.35 11.52
C SER B 245 -8.03 -20.47 11.26
N CYS B 246 -8.23 -19.18 11.02
CA CYS B 246 -7.07 -18.34 10.70
C CYS B 246 -7.30 -16.91 11.20
N ASP B 247 -7.53 -16.79 12.52
CA ASP B 247 -7.76 -15.49 13.12
C ASP B 247 -6.55 -14.58 12.98
N TYR B 248 -5.36 -15.15 12.83
CA TYR B 248 -4.14 -14.35 12.79
C TYR B 248 -4.05 -13.47 11.55
N LEU B 249 -4.99 -13.58 10.61
CA LEU B 249 -5.08 -12.64 9.50
C LEU B 249 -5.78 -11.34 9.87
N THR B 250 -6.17 -11.14 11.14
CA THR B 250 -6.97 -9.98 11.48
C THR B 250 -6.33 -8.70 10.99
N GLY B 251 -7.17 -7.80 10.47
CA GLY B 251 -6.72 -6.54 9.91
C GLY B 251 -6.48 -6.56 8.42
N GLN B 252 -6.55 -7.73 7.80
CA GLN B 252 -6.25 -7.86 6.38
C GLN B 252 -7.34 -7.19 5.54
N VAL B 253 -6.92 -6.51 4.47
CA VAL B 253 -7.81 -6.18 3.37
C VAL B 253 -7.50 -7.17 2.25
N PHE B 254 -8.47 -8.02 1.92
CA PHE B 254 -8.31 -9.03 0.87
C PHE B 254 -8.76 -8.44 -0.46
N TRP B 255 -7.92 -8.57 -1.48
CA TRP B 255 -8.27 -8.10 -2.82
C TRP B 255 -8.79 -9.30 -3.61
N LEU B 256 -10.11 -9.46 -3.63
CA LEU B 256 -10.75 -10.61 -4.27
C LEU B 256 -11.16 -10.19 -5.68
N ALA B 257 -10.15 -10.06 -6.54
CA ALA B 257 -10.43 -9.50 -7.86
C ALA B 257 -9.67 -10.21 -8.97
N GLY B 258 -9.27 -11.47 -8.75
CA GLY B 258 -8.80 -12.28 -9.86
C GLY B 258 -7.52 -11.80 -10.50
N GLY B 259 -6.72 -11.01 -9.77
CA GLY B 259 -5.51 -10.45 -10.33
C GLY B 259 -5.70 -9.10 -11.00
N PHE B 260 -6.91 -8.56 -11.03
CA PHE B 260 -7.13 -7.16 -11.36
C PHE B 260 -6.27 -6.30 -10.41
N PRO B 261 -5.70 -5.20 -10.93
CA PRO B 261 -5.79 -4.75 -12.32
C PRO B 261 -4.67 -5.28 -13.19
N MET B 262 -4.99 -5.66 -14.43
CA MET B 262 -3.98 -5.90 -15.44
C MET B 262 -3.60 -4.56 -16.08
N ILE B 263 -2.30 -4.28 -16.13
CA ILE B 263 -1.78 -2.98 -16.52
C ILE B 263 -1.38 -3.00 -17.99
N GLU B 264 -1.86 -2.02 -18.74
CA GLU B 264 -1.63 -1.95 -20.19
C GLU B 264 -0.15 -1.99 -20.54
N ARG B 265 0.24 -2.91 -21.42
CA ARG B 265 1.64 -3.05 -21.81
C ARG B 265 1.97 -2.21 -23.05
N TRP B 266 3.27 -2.06 -23.30
CA TRP B 266 3.79 -1.21 -24.38
C TRP B 266 3.32 -1.69 -25.75
N PRO B 267 3.36 -0.80 -26.75
CA PRO B 267 2.98 -1.19 -28.12
C PRO B 267 3.75 -2.41 -28.61
N GLY B 268 3.05 -3.26 -29.36
CA GLY B 268 3.64 -4.45 -29.92
C GLY B 268 3.61 -5.66 -29.03
N MET B 269 3.35 -5.49 -27.74
CA MET B 269 3.29 -6.66 -26.88
C MET B 269 1.90 -7.29 -26.98
N PRO B 270 1.83 -8.63 -26.95
CA PRO B 270 0.55 -9.31 -27.17
C PRO B 270 -0.40 -9.13 -26.00
N GLU B 271 -1.65 -9.49 -26.25
CA GLU B 271 -2.66 -9.62 -25.21
C GLU B 271 -2.29 -10.75 -24.25
N SER C 17 0.79 39.95 -12.97
CA SER C 17 0.05 38.70 -12.80
C SER C 17 0.47 37.97 -11.52
N HIS C 18 -0.51 37.56 -10.73
CA HIS C 18 -0.27 36.81 -9.50
C HIS C 18 -1.17 35.60 -9.44
N ALA C 19 -0.58 34.45 -9.09
CA ALA C 19 -1.36 33.26 -8.82
C ALA C 19 -2.12 33.43 -7.51
N THR C 20 -3.27 32.78 -7.42
CA THR C 20 -4.15 32.91 -6.25
C THR C 20 -4.30 31.55 -5.59
N ALA C 21 -4.13 31.51 -4.27
CA ALA C 21 -4.30 30.28 -3.51
C ALA C 21 -5.39 30.46 -2.46
N ILE C 22 -6.03 29.36 -2.09
CA ILE C 22 -6.91 29.31 -0.92
C ILE C 22 -6.31 28.32 0.08
N VAL C 23 -6.17 28.76 1.32
CA VAL C 23 -5.82 27.86 2.42
C VAL C 23 -6.96 27.89 3.42
N THR C 24 -7.53 26.73 3.73
CA THR C 24 -8.63 26.69 4.69
C THR C 24 -8.10 26.45 6.10
N ASN C 25 -8.97 26.72 7.08
CA ASN C 25 -8.66 26.57 8.51
C ASN C 25 -7.26 27.08 8.83
N VAL C 26 -6.98 28.32 8.39
CA VAL C 26 -5.61 28.77 8.28
C VAL C 26 -4.92 28.84 9.64
N LYS C 27 -5.68 29.02 10.72
CA LYS C 27 -5.08 29.09 12.05
C LYS C 27 -4.62 27.76 12.58
N HIS C 28 -4.93 26.65 11.91
CA HIS C 28 -4.76 25.33 12.50
C HIS C 28 -3.99 24.41 11.58
N PHE C 29 -3.44 23.35 12.18
CA PHE C 29 -2.89 22.20 11.44
C PHE C 29 -1.83 22.71 10.47
N GLY C 30 -1.97 22.52 9.16
CA GLY C 30 -0.94 22.96 8.24
C GLY C 30 -1.25 24.32 7.64
N GLY C 31 -2.19 25.05 8.25
CA GLY C 31 -2.68 26.28 7.66
C GLY C 31 -1.62 27.35 7.54
N MET C 32 -0.91 27.66 8.64
CA MET C 32 0.01 28.78 8.62
C MET C 32 1.26 28.47 7.80
N GLY C 33 1.83 27.28 7.96
CA GLY C 33 2.96 26.91 7.11
C GLY C 33 2.63 27.04 5.63
N SER C 34 1.45 26.55 5.24
CA SER C 34 1.04 26.63 3.85
C SER C 34 0.88 28.08 3.40
N ALA C 35 0.10 28.85 4.15
CA ALA C 35 -0.21 30.22 3.73
C ALA C 35 1.05 31.09 3.70
N LEU C 36 1.91 30.96 4.71
CA LEU C 36 3.09 31.81 4.78
C LEU C 36 4.04 31.50 3.64
N ARG C 37 4.26 30.21 3.35
CA ARG C 37 5.22 29.88 2.30
C ARG C 37 4.64 30.16 0.91
N LEU C 38 3.33 29.98 0.71
CA LEU C 38 2.76 30.31 -0.59
C LEU C 38 2.84 31.80 -0.85
N SER C 39 2.65 32.62 0.19
CA SER C 39 2.77 34.06 0.01
C SER C 39 4.21 34.45 -0.31
N GLU C 40 5.18 33.83 0.37
CA GLU C 40 6.58 34.11 0.05
C GLU C 40 6.89 33.77 -1.40
N ALA C 41 6.22 32.77 -1.95
CA ALA C 41 6.39 32.35 -3.33
C ALA C 41 5.67 33.25 -4.32
N GLY C 42 4.95 34.27 -3.86
CA GLY C 42 4.31 35.24 -4.71
C GLY C 42 2.83 35.05 -4.94
N HIS C 43 2.21 34.04 -4.33
CA HIS C 43 0.77 33.88 -4.42
C HIS C 43 0.04 34.94 -3.59
N THR C 44 -1.10 35.38 -4.10
CA THR C 44 -2.12 35.98 -3.25
C THR C 44 -2.81 34.84 -2.52
N VAL C 45 -2.79 34.85 -1.19
CA VAL C 45 -3.28 33.72 -0.40
C VAL C 45 -4.54 34.17 0.33
N ALA C 46 -5.69 33.76 -0.18
CA ALA C 46 -6.96 33.95 0.51
C ALA C 46 -7.10 32.88 1.58
N CYS C 47 -7.46 33.30 2.80
CA CYS C 47 -7.45 32.42 3.96
C CYS C 47 -8.85 32.29 4.54
N HIS C 48 -9.26 31.05 4.79
CA HIS C 48 -10.50 30.72 5.47
C HIS C 48 -10.21 30.29 6.90
N ASP C 49 -11.14 30.57 7.81
CA ASP C 49 -11.06 30.07 9.17
C ASP C 49 -12.42 30.24 9.82
N GLU C 50 -12.77 29.29 10.70
CA GLU C 50 -14.06 29.43 11.37
C GLU C 50 -14.15 30.70 12.19
N SER C 51 -13.02 31.17 12.72
CA SER C 51 -13.05 32.39 13.53
C SER C 51 -13.30 33.63 12.69
N PHE C 52 -13.14 33.55 11.37
CA PHE C 52 -13.30 34.72 10.52
C PHE C 52 -14.77 35.10 10.31
N LYS C 53 -15.71 34.31 10.86
CA LYS C 53 -17.10 34.77 10.97
C LYS C 53 -17.21 36.02 11.80
N GLN C 54 -16.27 36.26 12.70
N GLN C 54 -16.26 36.24 12.70
CA GLN C 54 -16.28 37.44 13.56
CA GLN C 54 -16.23 37.40 13.58
C GLN C 54 -15.36 38.49 12.94
C GLN C 54 -15.34 38.46 12.96
N LYS C 55 -15.90 39.69 12.71
N LYS C 55 -15.89 39.65 12.75
CA LYS C 55 -15.12 40.75 12.08
CA LYS C 55 -15.15 40.73 12.10
C LYS C 55 -13.85 41.05 12.88
C LYS C 55 -13.88 41.07 12.87
N ASP C 56 -13.94 41.06 14.20
CA ASP C 56 -12.78 41.38 15.02
C ASP C 56 -11.65 40.38 14.81
N GLU C 57 -11.99 39.09 14.71
CA GLU C 57 -10.98 38.07 14.51
C GLU C 57 -10.39 38.14 13.10
N LEU C 58 -11.24 38.36 12.08
CA LEU C 58 -10.72 38.53 10.74
C LEU C 58 -9.75 39.72 10.67
N GLU C 59 -10.12 40.84 11.29
CA GLU C 59 -9.30 42.04 11.17
C GLU C 59 -8.01 41.91 11.97
N ALA C 60 -8.06 41.23 13.13
CA ALA C 60 -6.85 41.00 13.89
C ALA C 60 -5.86 40.16 13.10
N PHE C 61 -6.36 39.13 12.41
CA PHE C 61 -5.51 38.29 11.56
C PHE C 61 -4.90 39.10 10.42
N ALA C 62 -5.71 39.93 9.76
CA ALA C 62 -5.20 40.77 8.68
C ALA C 62 -4.10 41.71 9.16
N GLU C 63 -4.22 42.20 10.40
CA GLU C 63 -3.23 43.13 10.94
C GLU C 63 -1.92 42.40 11.23
N THR C 64 -2.00 41.21 11.81
CA THR C 64 -0.80 40.46 12.15
C THR C 64 -0.10 39.93 10.91
N TYR C 65 -0.88 39.49 9.92
CA TYR C 65 -0.36 38.87 8.69
C TYR C 65 -0.85 39.67 7.49
N PRO C 66 -0.29 40.86 7.28
CA PRO C 66 -0.82 41.73 6.21
C PRO C 66 -0.55 41.21 4.81
N GLN C 67 0.35 40.23 4.65
CA GLN C 67 0.56 39.60 3.36
C GLN C 67 -0.50 38.55 3.06
N LEU C 68 -1.34 38.20 4.02
CA LEU C 68 -2.40 37.24 3.82
C LEU C 68 -3.74 37.96 3.70
N LYS C 69 -4.70 37.30 3.07
CA LYS C 69 -6.01 37.90 2.78
C LYS C 69 -7.12 37.06 3.39
N PRO C 70 -7.47 37.29 4.66
CA PRO C 70 -8.54 36.50 5.25
C PRO C 70 -9.90 36.86 4.66
N MET C 71 -10.71 35.82 4.46
CA MET C 71 -12.07 35.91 3.94
C MET C 71 -13.05 35.53 5.03
N SER C 72 -14.25 36.12 5.01
CA SER C 72 -15.23 35.72 6.00
C SER C 72 -16.03 34.48 5.59
N GLU C 73 -16.06 34.15 4.30
CA GLU C 73 -16.91 33.07 3.81
C GLU C 73 -16.55 31.74 4.47
N GLN C 74 -17.59 30.98 4.82
CA GLN C 74 -17.44 29.72 5.53
C GLN C 74 -17.76 28.51 4.67
N GLU C 75 -18.81 28.57 3.90
CA GLU C 75 -19.25 27.41 3.13
C GLU C 75 -18.41 27.25 1.86
N PRO C 76 -18.22 26.02 1.39
CA PRO C 76 -17.25 25.80 0.29
C PRO C 76 -17.57 26.54 -0.98
N ALA C 77 -18.82 26.46 -1.47
CA ALA C 77 -19.14 27.13 -2.72
C ALA C 77 -19.02 28.65 -2.59
N GLU C 78 -19.44 29.19 -1.45
N GLU C 78 -19.45 29.19 -1.44
CA GLU C 78 -19.37 30.63 -1.28
CA GLU C 78 -19.38 30.64 -1.27
C GLU C 78 -17.94 31.12 -1.14
C GLU C 78 -17.94 31.12 -1.13
N LEU C 79 -17.07 30.30 -0.54
CA LEU C 79 -15.66 30.65 -0.43
C LEU C 79 -14.99 30.69 -1.81
N ILE C 80 -15.20 29.65 -2.62
CA ILE C 80 -14.64 29.65 -3.97
C ILE C 80 -15.13 30.87 -4.74
N GLU C 81 -16.44 31.14 -4.64
CA GLU C 81 -16.99 32.25 -5.41
C GLU C 81 -16.44 33.60 -4.93
N ALA C 82 -16.26 33.76 -3.62
CA ALA C 82 -15.76 35.04 -3.10
C ALA C 82 -14.32 35.28 -3.52
N VAL C 83 -13.48 34.24 -3.49
CA VAL C 83 -12.09 34.41 -3.91
C VAL C 83 -12.01 34.68 -5.41
N THR C 84 -12.84 33.98 -6.18
CA THR C 84 -12.88 34.19 -7.63
C THR C 84 -13.32 35.62 -7.96
N SER C 85 -14.32 36.12 -7.24
CA SER C 85 -14.78 37.49 -7.46
C SER C 85 -13.69 38.50 -7.07
N ALA C 86 -13.03 38.29 -5.93
CA ALA C 86 -12.05 39.27 -5.46
C ALA C 86 -10.79 39.26 -6.30
N TYR C 87 -10.32 38.07 -6.71
CA TYR C 87 -9.00 37.94 -7.30
C TYR C 87 -9.00 37.33 -8.70
N GLY C 88 -10.17 37.01 -9.25
CA GLY C 88 -10.25 36.60 -10.64
C GLY C 88 -10.38 35.10 -10.82
N GLN C 89 -9.65 34.33 -10.02
CA GLN C 89 -9.66 32.88 -10.17
C GLN C 89 -8.98 32.26 -8.96
N VAL C 90 -9.11 30.93 -8.85
CA VAL C 90 -8.44 30.15 -7.82
C VAL C 90 -7.48 29.22 -8.53
N ASP C 91 -6.18 29.45 -8.36
CA ASP C 91 -5.17 28.62 -9.01
C ASP C 91 -4.77 27.42 -8.17
N VAL C 92 -4.75 27.57 -6.85
CA VAL C 92 -4.29 26.54 -5.93
C VAL C 92 -5.30 26.41 -4.80
N LEU C 93 -5.79 25.20 -4.57
CA LEU C 93 -6.65 24.90 -3.42
C LEU C 93 -5.84 24.08 -2.43
N VAL C 94 -5.69 24.58 -1.20
CA VAL C 94 -5.12 23.79 -0.10
C VAL C 94 -6.25 23.56 0.88
N SER C 95 -6.79 22.35 0.87
CA SER C 95 -7.88 21.97 1.76
C SER C 95 -7.24 21.39 3.01
N ASN C 96 -7.09 22.26 4.01
CA ASN C 96 -6.40 21.98 5.27
C ASN C 96 -7.47 21.56 6.27
N ASP C 97 -7.85 20.29 6.22
CA ASP C 97 -9.04 19.86 6.93
C ASP C 97 -8.73 19.39 8.34
N ILE C 98 -9.64 19.69 9.26
CA ILE C 98 -9.45 19.43 10.67
C ILE C 98 -10.74 18.88 11.27
N PHE C 99 -10.57 18.11 12.34
CA PHE C 99 -11.64 17.56 13.15
C PHE C 99 -10.97 17.11 14.44
N ALA C 100 -11.64 17.29 15.57
CA ALA C 100 -11.00 16.89 16.82
C ALA C 100 -10.94 15.37 16.92
N PRO C 101 -9.75 14.77 17.04
CA PRO C 101 -9.68 13.30 17.21
C PRO C 101 -10.23 12.92 18.57
N GLU C 102 -11.23 12.04 18.58
CA GLU C 102 -11.80 11.54 19.83
C GLU C 102 -11.58 10.04 19.90
N PHE C 103 -10.84 9.60 20.92
CA PHE C 103 -10.55 8.17 21.10
C PHE C 103 -11.71 7.53 21.86
N GLN C 104 -12.28 6.47 21.28
CA GLN C 104 -13.29 5.67 21.95
C GLN C 104 -13.21 4.23 21.46
N PRO C 105 -13.50 3.26 22.32
CA PRO C 105 -13.87 1.94 21.82
C PRO C 105 -15.07 2.07 20.91
N ILE C 106 -15.11 1.22 19.87
CA ILE C 106 -16.09 1.37 18.80
C ILE C 106 -17.52 1.44 19.36
N ASP C 107 -17.82 0.64 20.38
CA ASP C 107 -19.19 0.62 20.89
C ASP C 107 -19.55 1.85 21.73
N LYS C 108 -18.57 2.67 22.10
CA LYS C 108 -18.87 3.84 22.91
C LYS C 108 -19.06 5.11 22.09
N TYR C 109 -18.63 5.12 20.83
CA TYR C 109 -19.02 6.19 19.93
C TYR C 109 -20.53 6.22 19.75
N ALA C 110 -21.05 7.40 19.44
CA ALA C 110 -22.32 7.49 18.76
C ALA C 110 -22.08 7.44 17.26
N VAL C 111 -23.07 6.96 16.51
CA VAL C 111 -22.89 6.94 15.06
C VAL C 111 -22.64 8.36 14.53
N GLU C 112 -23.26 9.37 15.17
CA GLU C 112 -23.03 10.75 14.75
C GLU C 112 -21.57 11.17 14.91
N ASP C 113 -20.81 10.54 15.82
CA ASP C 113 -19.39 10.88 15.93
C ASP C 113 -18.61 10.48 14.68
N TYR C 114 -19.02 9.40 14.01
CA TYR C 114 -18.41 9.07 12.73
C TYR C 114 -18.90 10.00 11.64
N ARG C 115 -20.20 10.29 11.62
CA ARG C 115 -20.73 11.20 10.61
C ARG C 115 -20.06 12.57 10.69
N GLY C 116 -19.80 13.05 11.91
CA GLY C 116 -19.11 14.33 12.04
C GLY C 116 -17.71 14.29 11.44
N ALA C 117 -17.01 13.17 11.66
CA ALA C 117 -15.65 13.03 11.13
C ALA C 117 -15.65 12.99 9.61
N VAL C 118 -16.58 12.22 9.03
N VAL C 118 -16.59 12.24 9.02
CA VAL C 118 -16.64 12.15 7.57
CA VAL C 118 -16.61 12.15 7.56
C VAL C 118 -17.02 13.50 6.98
C VAL C 118 -17.09 13.46 6.94
N GLU C 119 -17.96 14.21 7.61
CA GLU C 119 -18.37 15.50 7.08
C GLU C 119 -17.20 16.47 7.04
N ALA C 120 -16.38 16.48 8.10
CA ALA C 120 -15.28 17.42 8.20
C ALA C 120 -14.06 17.01 7.39
N LEU C 121 -13.83 15.70 7.25
CA LEU C 121 -12.57 15.23 6.69
C LEU C 121 -12.69 14.65 5.28
N GLN C 122 -13.91 14.37 4.82
CA GLN C 122 -14.17 13.86 3.49
C GLN C 122 -15.11 14.75 2.69
N ILE C 123 -16.29 15.04 3.25
CA ILE C 123 -17.28 15.80 2.50
C ILE C 123 -16.77 17.20 2.20
N ARG C 124 -16.09 17.81 3.17
CA ARG C 124 -15.62 19.18 2.99
C ARG C 124 -14.59 19.29 1.86
N PRO C 125 -13.51 18.48 1.81
CA PRO C 125 -12.62 18.59 0.64
C PRO C 125 -13.33 18.26 -0.66
N PHE C 126 -14.22 17.26 -0.65
CA PHE C 126 -15.00 16.96 -1.85
C PHE C 126 -15.77 18.19 -2.31
N ALA C 127 -16.45 18.85 -1.38
CA ALA C 127 -17.27 20.01 -1.75
C ALA C 127 -16.42 21.14 -2.32
N LEU C 128 -15.23 21.35 -1.76
CA LEU C 128 -14.36 22.39 -2.30
C LEU C 128 -13.89 22.07 -3.71
N VAL C 129 -13.51 20.81 -3.98
CA VAL C 129 -13.10 20.47 -5.34
C VAL C 129 -14.29 20.54 -6.27
N ASN C 130 -15.45 20.08 -5.80
CA ASN C 130 -16.68 20.13 -6.59
C ASN C 130 -16.99 21.55 -7.02
N ALA C 131 -16.67 22.53 -6.16
CA ALA C 131 -16.98 23.94 -6.44
C ALA C 131 -15.94 24.61 -7.33
N VAL C 132 -14.68 24.16 -7.30
CA VAL C 132 -13.60 24.84 -8.02
C VAL C 132 -13.16 24.12 -9.29
N ALA C 133 -13.52 22.85 -9.47
CA ALA C 133 -12.91 22.08 -10.55
C ALA C 133 -13.27 22.65 -11.92
N SER C 134 -14.50 23.16 -12.10
CA SER C 134 -14.89 23.58 -13.43
C SER C 134 -14.03 24.73 -13.95
N GLN C 135 -13.74 25.72 -13.10
CA GLN C 135 -12.92 26.83 -13.57
C GLN C 135 -11.51 26.38 -13.89
N MET C 136 -10.97 25.43 -13.10
CA MET C 136 -9.64 24.89 -13.41
C MET C 136 -9.66 24.09 -14.71
N LYS C 137 -10.68 23.26 -14.91
CA LYS C 137 -10.74 22.43 -16.12
C LYS C 137 -10.87 23.30 -17.37
N LYS C 138 -11.59 24.41 -17.27
CA LYS C 138 -11.80 25.26 -18.44
C LYS C 138 -10.49 25.87 -18.94
N ARG C 139 -9.61 26.29 -18.03
CA ARG C 139 -8.34 26.85 -18.48
C ARG C 139 -7.22 25.82 -18.52
N LYS C 140 -7.51 24.58 -18.14
CA LYS C 140 -6.52 23.50 -18.10
C LYS C 140 -5.31 23.85 -17.24
N SER C 141 -5.57 24.36 -16.04
CA SER C 141 -4.50 24.63 -15.09
C SER C 141 -5.08 24.72 -13.70
N GLY C 142 -4.27 24.34 -12.71
CA GLY C 142 -4.70 24.36 -11.33
C GLY C 142 -3.95 23.30 -10.55
N HIS C 143 -3.95 23.45 -9.23
CA HIS C 143 -3.35 22.46 -8.35
C HIS C 143 -4.26 22.27 -7.14
N ILE C 144 -4.48 21.01 -6.77
CA ILE C 144 -5.33 20.67 -5.63
C ILE C 144 -4.50 19.89 -4.62
N ILE C 145 -4.48 20.36 -3.38
CA ILE C 145 -3.71 19.75 -2.30
C ILE C 145 -4.64 19.53 -1.11
N PHE C 146 -4.77 18.28 -0.66
CA PHE C 146 -5.46 17.97 0.59
C PHE C 146 -4.41 17.78 1.68
N ILE C 147 -4.64 18.40 2.84
N ILE C 147 -4.63 18.39 2.84
CA ILE C 147 -3.87 18.06 4.04
CA ILE C 147 -3.84 18.04 4.03
C ILE C 147 -4.73 17.07 4.82
C ILE C 147 -4.69 17.08 4.84
N THR C 148 -4.24 15.83 4.93
CA THR C 148 -5.04 14.75 5.50
C THR C 148 -4.40 14.25 6.80
N SER C 149 -3.82 13.05 6.78
CA SER C 149 -3.23 12.46 7.98
C SER C 149 -2.45 11.23 7.59
N ALA C 150 -1.37 10.95 8.32
CA ALA C 150 -0.68 9.67 8.19
C ALA C 150 -1.22 8.60 9.13
N THR C 151 -2.25 8.89 9.92
CA THR C 151 -2.83 7.87 10.79
C THR C 151 -3.27 6.60 10.04
N PRO C 152 -3.79 6.65 8.81
CA PRO C 152 -4.12 5.38 8.14
C PRO C 152 -2.90 4.52 7.88
N PHE C 153 -1.70 5.11 7.80
CA PHE C 153 -0.51 4.31 7.57
C PHE C 153 -0.19 3.42 8.77
N GLY C 154 -0.51 3.89 9.97
CA GLY C 154 -0.30 3.11 11.16
C GLY C 154 -1.27 3.52 12.25
N PRO C 155 -2.45 2.91 12.25
CA PRO C 155 -3.51 3.36 13.15
C PRO C 155 -3.19 3.05 14.60
N TRP C 156 -3.53 4.00 15.47
CA TRP C 156 -3.61 3.75 16.89
C TRP C 156 -4.93 3.05 17.20
N LYS C 157 -4.93 2.19 18.22
CA LYS C 157 -6.22 1.62 18.59
C LYS C 157 -7.13 2.68 19.20
N GLU C 158 -8.44 2.53 18.94
CA GLU C 158 -9.52 3.36 19.47
C GLU C 158 -9.61 4.74 18.81
N LEU C 159 -9.17 4.88 17.56
CA LEU C 159 -9.40 6.12 16.82
C LEU C 159 -9.98 5.79 15.44
N SER C 160 -11.01 4.96 15.42
CA SER C 160 -11.47 4.39 14.15
C SER C 160 -12.19 5.41 13.29
N THR C 161 -12.85 6.39 13.91
CA THR C 161 -13.61 7.38 13.15
C THR C 161 -12.67 8.28 12.36
N TYR C 162 -11.82 9.01 13.08
CA TYR C 162 -10.89 9.94 12.48
C TYR C 162 -9.97 9.25 11.47
N THR C 163 -9.44 8.09 11.84
CA THR C 163 -8.45 7.42 11.00
C THR C 163 -9.06 6.98 9.67
N SER C 164 -10.24 6.35 9.72
CA SER C 164 -10.83 5.88 8.47
C SER C 164 -11.34 7.04 7.61
N ALA C 165 -11.85 8.13 8.20
CA ALA C 165 -12.24 9.27 7.38
C ALA C 165 -11.04 9.86 6.66
N ARG C 166 -9.89 9.94 7.33
CA ARG C 166 -8.69 10.46 6.67
C ARG C 166 -8.28 9.57 5.51
N ALA C 167 -8.43 8.25 5.65
CA ALA C 167 -8.10 7.37 4.53
C ALA C 167 -9.02 7.60 3.35
N GLY C 168 -10.31 7.87 3.62
CA GLY C 168 -11.22 8.20 2.54
C GLY C 168 -10.76 9.43 1.78
N ALA C 169 -10.23 10.44 2.50
CA ALA C 169 -9.74 11.64 1.83
C ALA C 169 -8.49 11.35 1.00
N ASN C 170 -7.60 10.50 1.50
CA ASN C 170 -6.41 10.15 0.72
C ASN C 170 -6.80 9.50 -0.59
N THR C 171 -7.76 8.56 -0.55
CA THR C 171 -8.19 7.90 -1.76
C THR C 171 -8.95 8.86 -2.67
N LEU C 172 -9.72 9.78 -2.08
CA LEU C 172 -10.38 10.81 -2.87
C LEU C 172 -9.38 11.60 -3.69
N ALA C 173 -8.26 12.00 -3.06
CA ALA C 173 -7.22 12.72 -3.79
C ALA C 173 -6.66 11.86 -4.93
N ASN C 174 -6.33 10.60 -4.62
CA ASN C 174 -5.74 9.73 -5.63
C ASN C 174 -6.71 9.49 -6.77
N ALA C 175 -7.99 9.22 -6.45
CA ALA C 175 -8.99 9.01 -7.49
C ALA C 175 -9.17 10.25 -8.35
N LEU C 176 -9.24 11.43 -7.71
CA LEU C 176 -9.39 12.68 -8.46
C LEU C 176 -8.23 12.90 -9.43
N SER C 177 -7.01 12.49 -9.05
CA SER C 177 -5.87 12.69 -9.94
C SER C 177 -6.08 12.01 -11.29
N LYS C 178 -6.79 10.88 -11.31
CA LYS C 178 -6.98 10.12 -12.54
C LYS C 178 -7.86 10.85 -13.55
N GLU C 179 -8.85 11.64 -13.08
CA GLU C 179 -9.70 12.35 -14.02
C GLU C 179 -9.20 13.76 -14.31
N LEU C 180 -8.58 14.41 -13.34
CA LEU C 180 -8.19 15.79 -13.56
C LEU C 180 -6.87 15.93 -14.30
N GLY C 181 -6.09 14.85 -14.42
CA GLY C 181 -4.84 14.92 -15.16
C GLY C 181 -5.04 15.28 -16.63
N GLU C 182 -6.16 14.84 -17.22
CA GLU C 182 -6.51 15.16 -18.60
C GLU C 182 -6.62 16.67 -18.81
N TYR C 183 -6.92 17.40 -17.75
CA TYR C 183 -7.06 18.84 -17.74
C TYR C 183 -5.85 19.54 -17.17
N ASN C 184 -4.74 18.82 -17.00
CA ASN C 184 -3.47 19.37 -16.52
C ASN C 184 -3.57 19.89 -15.09
N ILE C 185 -4.32 19.19 -14.25
CA ILE C 185 -4.53 19.58 -12.86
C ILE C 185 -4.02 18.46 -11.96
N PRO C 186 -2.84 18.61 -11.36
CA PRO C 186 -2.37 17.64 -10.37
C PRO C 186 -3.20 17.69 -9.09
N VAL C 187 -3.33 16.53 -8.46
CA VAL C 187 -4.04 16.39 -7.18
C VAL C 187 -3.13 15.64 -6.22
N PHE C 188 -2.95 16.18 -5.01
CA PHE C 188 -2.03 15.62 -4.03
C PHE C 188 -2.72 15.50 -2.68
N ALA C 189 -2.33 14.50 -1.89
CA ALA C 189 -2.67 14.45 -0.48
C ALA C 189 -1.38 14.45 0.32
N ILE C 190 -1.28 15.35 1.29
CA ILE C 190 -0.17 15.38 2.25
C ILE C 190 -0.73 14.88 3.57
N GLY C 191 -0.24 13.73 4.03
CA GLY C 191 -0.72 13.17 5.28
C GLY C 191 0.33 13.26 6.37
N PRO C 192 0.21 14.24 7.27
CA PRO C 192 1.20 14.40 8.33
C PRO C 192 0.93 13.54 9.56
N ASN C 193 1.98 13.39 10.36
CA ASN C 193 1.80 13.06 11.76
C ASN C 193 2.95 13.71 12.51
N TYR C 194 2.69 14.07 13.77
CA TYR C 194 3.66 14.76 14.62
C TYR C 194 4.12 16.07 14.00
N LEU C 195 3.20 16.74 13.29
CA LEU C 195 3.44 18.08 12.76
C LEU C 195 3.20 19.10 13.87
N HIS C 196 4.26 19.79 14.29
CA HIS C 196 4.14 20.88 15.25
C HIS C 196 3.14 21.91 14.74
N SER C 197 2.12 22.20 15.55
CA SER C 197 1.06 23.12 15.15
C SER C 197 1.05 24.40 15.96
N GLU C 198 2.11 24.64 16.75
CA GLU C 198 2.35 25.89 17.44
C GLU C 198 1.22 26.20 18.43
N ASP C 199 0.42 27.23 18.19
CA ASP C 199 -0.65 27.57 19.13
C ASP C 199 -1.93 26.79 18.89
N SER C 200 -2.02 26.04 17.79
CA SER C 200 -3.26 25.33 17.44
C SER C 200 -3.33 23.98 18.14
N PRO C 201 -4.49 23.63 18.69
CA PRO C 201 -4.67 22.28 19.25
C PRO C 201 -4.68 21.18 18.20
N TYR C 202 -4.72 21.51 16.91
CA TYR C 202 -4.74 20.51 15.86
C TYR C 202 -3.36 20.45 15.18
N PHE C 203 -2.51 19.46 15.47
CA PHE C 203 -2.79 18.37 16.39
C PHE C 203 -1.66 18.18 17.41
N TYR C 204 -0.62 19.01 17.31
CA TYR C 204 0.57 18.91 18.15
C TYR C 204 1.02 20.30 18.59
N PRO C 205 0.28 20.91 19.51
CA PRO C 205 0.68 22.24 20.01
C PRO C 205 1.97 22.19 20.82
N THR C 206 2.65 23.33 20.84
CA THR C 206 3.92 23.47 21.58
C THR C 206 3.76 23.03 23.02
N GLU C 207 2.67 23.44 23.68
CA GLU C 207 2.28 22.87 24.95
C GLU C 207 1.26 21.78 24.68
N PRO C 208 1.57 20.51 24.98
CA PRO C 208 2.70 19.94 25.74
C PRO C 208 3.85 19.38 24.92
N TRP C 209 3.76 19.42 23.60
CA TRP C 209 4.60 18.54 22.80
C TRP C 209 6.06 18.96 22.72
N LYS C 210 6.38 20.22 23.01
CA LYS C 210 7.76 20.65 23.20
C LYS C 210 8.09 21.01 24.63
N THR C 211 7.10 21.10 25.51
CA THR C 211 7.33 21.59 26.87
C THR C 211 7.33 20.52 27.95
N ASN C 212 6.69 19.37 27.71
CA ASN C 212 6.55 18.31 28.70
C ASN C 212 7.47 17.13 28.39
N PRO C 213 8.31 16.70 29.34
CA PRO C 213 9.30 15.64 29.03
C PRO C 213 8.69 14.34 28.50
N GLU C 214 7.57 13.89 29.07
CA GLU C 214 6.95 12.65 28.60
C GLU C 214 6.59 12.75 27.13
N HIS C 215 6.10 13.91 26.70
CA HIS C 215 5.72 14.08 25.30
C HIS C 215 6.95 14.19 24.42
N VAL C 216 7.97 14.93 24.88
CA VAL C 216 9.22 15.01 24.14
C VAL C 216 9.81 13.62 23.93
N ALA C 217 9.79 12.79 24.98
CA ALA C 217 10.32 11.43 24.86
C ALA C 217 9.50 10.58 23.90
N HIS C 218 8.17 10.73 23.92
CA HIS C 218 7.32 9.95 23.01
C HIS C 218 7.68 10.25 21.56
N VAL C 219 7.82 11.53 21.23
CA VAL C 219 8.13 11.91 19.85
C VAL C 219 9.48 11.35 19.43
N LYS C 220 10.45 11.36 20.35
CA LYS C 220 11.76 10.81 20.03
C LYS C 220 11.70 9.31 19.76
N LYS C 221 10.77 8.61 20.42
CA LYS C 221 10.64 7.18 20.26
C LYS C 221 9.97 6.80 18.94
N VAL C 222 8.91 7.51 18.55
CA VAL C 222 8.02 7.02 17.50
C VAL C 222 8.31 7.60 16.12
N THR C 223 9.18 8.59 16.00
CA THR C 223 9.58 9.11 14.70
C THR C 223 11.03 8.74 14.43
N ALA C 224 11.37 8.57 13.15
CA ALA C 224 12.76 8.20 12.85
C ALA C 224 13.69 9.39 13.06
N LEU C 225 13.23 10.60 12.72
CA LEU C 225 14.04 11.80 12.92
C LEU C 225 14.02 12.30 14.36
N GLN C 226 13.21 11.69 15.22
CA GLN C 226 13.22 11.96 16.66
C GLN C 226 12.92 13.43 16.97
N ARG C 227 11.89 13.96 16.31
CA ARG C 227 11.46 15.35 16.50
C ARG C 227 10.11 15.53 15.83
N LEU C 228 9.44 16.62 16.18
CA LEU C 228 8.24 17.03 15.46
C LEU C 228 8.62 17.59 14.09
N GLY C 229 7.70 17.46 13.13
CA GLY C 229 7.82 18.17 11.88
C GLY C 229 7.49 19.64 12.07
N THR C 230 8.07 20.49 11.20
CA THR C 230 7.88 21.92 11.34
C THR C 230 6.86 22.45 10.34
N GLN C 231 6.23 23.57 10.70
CA GLN C 231 5.37 24.27 9.74
C GLN C 231 6.13 24.64 8.49
N LYS C 232 7.42 24.95 8.60
N LYS C 232 7.42 24.97 8.62
N LYS C 232 7.42 24.98 8.63
CA LYS C 232 8.17 25.32 7.40
CA LYS C 232 8.22 25.30 7.44
CA LYS C 232 8.24 25.30 7.47
C LYS C 232 8.37 24.13 6.47
C LYS C 232 8.35 24.13 6.49
C LYS C 232 8.34 24.13 6.50
N GLU C 233 8.55 22.93 7.03
CA GLU C 233 8.66 21.74 6.17
C GLU C 233 7.35 21.50 5.41
N LEU C 234 6.23 21.59 6.12
CA LEU C 234 4.93 21.46 5.46
C LEU C 234 4.77 22.53 4.38
N GLY C 235 5.04 23.79 4.73
CA GLY C 235 4.89 24.87 3.76
C GLY C 235 5.80 24.71 2.56
N GLU C 236 7.01 24.22 2.77
CA GLU C 236 7.92 24.01 1.65
C GLU C 236 7.36 22.98 0.67
N LEU C 237 6.80 21.89 1.19
CA LEU C 237 6.19 20.89 0.31
C LEU C 237 4.98 21.46 -0.42
N VAL C 238 4.12 22.19 0.29
CA VAL C 238 2.93 22.75 -0.34
C VAL C 238 3.33 23.69 -1.48
N ALA C 239 4.28 24.60 -1.22
CA ALA C 239 4.67 25.55 -2.26
C ALA C 239 5.38 24.84 -3.41
N PHE C 240 6.18 23.81 -3.11
CA PHE C 240 6.84 23.06 -4.18
C PHE C 240 5.79 22.40 -5.09
N LEU C 241 4.80 21.73 -4.51
CA LEU C 241 3.78 21.08 -5.31
C LEU C 241 2.97 22.10 -6.10
N ALA C 242 2.67 23.25 -5.49
CA ALA C 242 1.86 24.26 -6.16
C ALA C 242 2.64 25.04 -7.21
N SER C 243 3.97 24.93 -7.25
CA SER C 243 4.79 25.71 -8.16
C SER C 243 4.69 25.23 -9.60
N GLY C 244 4.17 24.04 -9.83
CA GLY C 244 4.24 23.44 -11.15
C GLY C 244 5.60 22.87 -11.50
N SER C 245 6.51 22.75 -10.52
CA SER C 245 7.82 22.17 -10.76
C SER C 245 7.81 20.65 -10.86
N CYS C 246 6.79 19.98 -10.33
CA CYS C 246 6.79 18.52 -10.32
C CYS C 246 5.38 18.00 -10.37
N ASP C 247 4.65 18.41 -11.42
CA ASP C 247 3.29 17.91 -11.61
C ASP C 247 3.23 16.40 -11.78
N TYR C 248 4.33 15.77 -12.24
CA TYR C 248 4.30 14.34 -12.49
C TYR C 248 4.16 13.50 -11.22
N LEU C 249 4.18 14.10 -10.03
CA LEU C 249 3.81 13.37 -8.83
C LEU C 249 2.30 13.25 -8.63
N THR C 250 1.47 13.69 -9.56
CA THR C 250 0.03 13.72 -9.31
C THR C 250 -0.48 12.34 -8.86
N GLY C 251 -1.41 12.36 -7.90
CA GLY C 251 -1.94 11.15 -7.30
C GLY C 251 -1.20 10.66 -6.07
N GLN C 252 -0.07 11.28 -5.75
CA GLN C 252 0.73 10.87 -4.61
C GLN C 252 0.00 11.15 -3.30
N VAL C 253 0.13 10.22 -2.35
CA VAL C 253 -0.16 10.47 -0.94
C VAL C 253 1.19 10.57 -0.26
N PHE C 254 1.53 11.76 0.26
CA PHE C 254 2.81 11.98 0.93
C PHE C 254 2.66 11.68 2.42
N TRP C 255 3.60 10.91 2.97
CA TRP C 255 3.59 10.67 4.41
C TRP C 255 4.60 11.63 5.03
N LEU C 256 4.09 12.75 5.57
CA LEU C 256 4.93 13.77 6.19
C LEU C 256 4.97 13.53 7.69
N ALA C 257 5.70 12.48 8.08
CA ALA C 257 5.63 12.05 9.47
C ALA C 257 7.00 11.66 10.03
N GLY C 258 8.09 12.08 9.40
CA GLY C 258 9.40 11.95 10.02
C GLY C 258 9.88 10.53 10.18
N GLY C 259 9.35 9.60 9.40
CA GLY C 259 9.70 8.21 9.58
C GLY C 259 8.82 7.45 10.54
N PHE C 260 7.84 8.11 11.15
CA PHE C 260 6.78 7.39 11.84
C PHE C 260 6.15 6.41 10.84
N PRO C 261 5.79 5.21 11.29
CA PRO C 261 5.97 4.69 12.64
C PRO C 261 7.27 3.95 12.85
N MET C 262 7.89 4.19 14.00
CA MET C 262 8.94 3.31 14.48
C MET C 262 8.30 2.10 15.15
N ILE C 263 8.72 0.90 14.74
CA ILE C 263 8.10 -0.36 15.17
C ILE C 263 8.92 -0.92 16.33
N GLU C 264 8.23 -1.24 17.42
CA GLU C 264 8.85 -1.77 18.62
C GLU C 264 9.71 -3.01 18.36
N ARG C 265 10.98 -2.96 18.78
CA ARG C 265 11.90 -4.08 18.52
C ARG C 265 11.90 -5.09 19.67
N TRP C 266 12.51 -6.25 19.40
CA TRP C 266 12.52 -7.39 20.31
C TRP C 266 13.21 -7.03 21.64
N PRO C 267 12.88 -7.75 22.71
CA PRO C 267 13.56 -7.52 23.99
C PRO C 267 15.07 -7.60 23.87
N GLY C 268 15.76 -6.73 24.61
CA GLY C 268 17.20 -6.70 24.62
C GLY C 268 17.82 -5.76 23.59
N MET C 269 17.05 -5.32 22.62
CA MET C 269 17.64 -4.40 21.66
C MET C 269 17.48 -2.97 22.14
N PRO C 270 18.49 -2.13 21.93
CA PRO C 270 18.45 -0.77 22.46
C PRO C 270 17.43 0.10 21.73
N GLU C 271 17.08 1.21 22.37
CA GLU C 271 16.20 2.20 21.76
C GLU C 271 16.95 2.98 20.68
N SER D 17 32.64 26.79 0.64
CA SER D 17 32.26 25.40 0.84
C SER D 17 30.92 25.08 0.17
N HIS D 18 30.97 24.30 -0.92
CA HIS D 18 29.76 23.83 -1.58
C HIS D 18 29.43 22.43 -1.11
N ALA D 19 28.13 22.12 -1.11
CA ALA D 19 27.68 20.75 -0.89
C ALA D 19 28.07 19.87 -2.07
N THR D 20 28.41 18.61 -1.79
CA THR D 20 28.86 17.68 -2.82
C THR D 20 27.82 16.58 -3.01
N ALA D 21 27.43 16.33 -4.27
CA ALA D 21 26.52 15.25 -4.61
C ALA D 21 27.21 14.26 -5.52
N ILE D 22 26.78 13.00 -5.45
CA ILE D 22 27.13 11.96 -6.42
C ILE D 22 25.87 11.56 -7.15
N VAL D 23 25.91 11.56 -8.48
CA VAL D 23 24.85 11.00 -9.33
C VAL D 23 25.45 9.87 -10.14
N THR D 24 24.90 8.67 -10.02
CA THR D 24 25.42 7.53 -10.77
C THR D 24 24.69 7.39 -12.11
N ASN D 25 25.31 6.63 -13.01
CA ASN D 25 24.79 6.37 -14.36
C ASN D 25 24.20 7.63 -14.99
N VAL D 26 25.03 8.69 -15.00
CA VAL D 26 24.50 10.04 -15.20
C VAL D 26 23.91 10.21 -16.60
N LYS D 27 24.37 9.42 -17.57
CA LYS D 27 23.85 9.55 -18.94
C LYS D 27 22.45 8.97 -19.11
N HIS D 28 21.92 8.28 -18.11
CA HIS D 28 20.76 7.43 -18.30
C HIS D 28 19.70 7.73 -17.25
N PHE D 29 18.45 7.34 -17.57
CA PHE D 29 17.35 7.29 -16.58
C PHE D 29 17.21 8.66 -15.95
N GLY D 30 17.33 8.79 -14.62
CA GLY D 30 17.15 10.09 -14.00
C GLY D 30 18.45 10.83 -13.77
N GLY D 31 19.51 10.41 -14.47
CA GLY D 31 20.83 10.95 -14.19
C GLY D 31 20.99 12.42 -14.56
N MET D 32 20.56 12.78 -15.77
CA MET D 32 20.83 14.15 -16.22
C MET D 32 19.95 15.16 -15.50
N GLY D 33 18.66 14.84 -15.33
CA GLY D 33 17.81 15.73 -14.57
C GLY D 33 18.34 15.96 -13.16
N SER D 34 18.78 14.87 -12.51
CA SER D 34 19.33 14.98 -11.16
C SER D 34 20.58 15.84 -11.15
N ALA D 35 21.52 15.54 -12.06
CA ALA D 35 22.80 16.24 -12.02
C ALA D 35 22.65 17.71 -12.37
N LEU D 36 21.86 18.01 -13.41
CA LEU D 36 21.69 19.39 -13.84
C LEU D 36 21.02 20.24 -12.78
N ARG D 37 19.95 19.72 -12.16
CA ARG D 37 19.23 20.52 -11.17
C ARG D 37 20.02 20.64 -9.88
N LEU D 38 20.75 19.60 -9.48
CA LEU D 38 21.60 19.72 -8.29
C LEU D 38 22.70 20.75 -8.50
N SER D 39 23.27 20.81 -9.69
CA SER D 39 24.27 21.85 -9.97
C SER D 39 23.64 23.24 -9.94
N GLU D 40 22.46 23.37 -10.53
CA GLU D 40 21.75 24.65 -10.50
C GLU D 40 21.50 25.10 -9.07
N ALA D 41 21.26 24.16 -8.15
CA ALA D 41 21.05 24.46 -6.74
C ALA D 41 22.35 24.69 -5.98
N GLY D 42 23.49 24.66 -6.66
CA GLY D 42 24.76 25.02 -6.03
C GLY D 42 25.63 23.87 -5.58
N HIS D 43 25.26 22.62 -5.88
CA HIS D 43 26.11 21.49 -5.53
C HIS D 43 27.26 21.33 -6.50
N THR D 44 28.39 20.88 -5.97
CA THR D 44 29.37 20.19 -6.78
C THR D 44 28.82 18.82 -7.09
N VAL D 45 28.71 18.44 -8.36
CA VAL D 45 28.07 17.18 -8.70
C VAL D 45 29.10 16.25 -9.34
N ALA D 46 29.58 15.28 -8.57
CA ALA D 46 30.44 14.24 -9.12
C ALA D 46 29.56 13.21 -9.81
N CYS D 47 29.90 12.88 -11.05
CA CYS D 47 29.05 12.04 -11.90
C CYS D 47 29.76 10.75 -12.25
N HIS D 48 29.06 9.64 -12.06
CA HIS D 48 29.53 8.32 -12.45
C HIS D 48 28.80 7.89 -13.71
N ASP D 49 29.46 7.06 -14.52
CA ASP D 49 28.84 6.43 -15.69
C ASP D 49 29.77 5.33 -16.17
N GLU D 50 29.18 4.25 -16.69
CA GLU D 50 29.99 3.17 -17.24
C GLU D 50 30.93 3.67 -18.34
N SER D 51 30.47 4.64 -19.13
CA SER D 51 31.29 5.11 -20.24
C SER D 51 32.52 5.88 -19.77
N PHE D 52 32.53 6.35 -18.52
CA PHE D 52 33.64 7.19 -18.06
C PHE D 52 34.90 6.40 -17.74
N LYS D 53 34.87 5.05 -17.84
CA LYS D 53 36.10 4.26 -17.87
C LYS D 53 37.01 4.65 -19.01
N GLN D 54 36.45 5.24 -20.07
CA GLN D 54 37.23 5.68 -21.23
C GLN D 54 37.51 7.17 -21.10
N LYS D 55 38.78 7.53 -21.18
CA LYS D 55 39.19 8.93 -21.06
C LYS D 55 38.45 9.84 -22.02
N ASP D 56 38.32 9.43 -23.29
CA ASP D 56 37.69 10.30 -24.27
C ASP D 56 36.23 10.58 -23.94
N GLU D 57 35.50 9.55 -23.48
CA GLU D 57 34.10 9.75 -23.11
C GLU D 57 33.96 10.66 -21.89
N LEU D 58 34.82 10.45 -20.88
CA LEU D 58 34.79 11.32 -19.71
C LEU D 58 35.08 12.77 -20.11
N GLU D 59 36.08 12.98 -20.95
CA GLU D 59 36.45 14.35 -21.28
C GLU D 59 35.40 15.01 -22.18
N ALA D 60 34.78 14.25 -23.09
CA ALA D 60 33.70 14.81 -23.90
C ALA D 60 32.55 15.29 -23.02
N PHE D 61 32.19 14.48 -22.02
CA PHE D 61 31.14 14.88 -21.09
C PHE D 61 31.55 16.12 -20.30
N ALA D 62 32.80 16.18 -19.84
CA ALA D 62 33.25 17.33 -19.07
C ALA D 62 33.22 18.61 -19.89
N GLU D 63 33.47 18.50 -21.20
CA GLU D 63 33.43 19.66 -22.07
C GLU D 63 31.99 20.11 -22.33
N THR D 64 31.09 19.17 -22.54
CA THR D 64 29.69 19.53 -22.80
C THR D 64 29.03 20.11 -21.56
N TYR D 65 29.40 19.59 -20.38
CA TYR D 65 28.79 19.98 -19.10
C TYR D 65 29.88 20.47 -18.16
N PRO D 66 30.39 21.69 -18.36
CA PRO D 66 31.47 22.19 -17.51
C PRO D 66 31.09 22.39 -16.06
N GLN D 67 29.79 22.40 -15.75
CA GLN D 67 29.33 22.51 -14.37
C GLN D 67 29.34 21.18 -13.63
N LEU D 68 29.55 20.06 -14.32
CA LEU D 68 29.54 18.73 -13.74
C LEU D 68 30.96 18.19 -13.67
N LYS D 69 31.16 17.22 -12.77
CA LYS D 69 32.49 16.66 -12.53
C LYS D 69 32.47 15.15 -12.76
N PRO D 70 32.68 14.70 -14.00
CA PRO D 70 32.65 13.26 -14.25
C PRO D 70 33.86 12.56 -13.63
N MET D 71 33.59 11.40 -13.03
CA MET D 71 34.58 10.56 -12.37
C MET D 71 34.74 9.29 -13.18
N SER D 72 35.95 8.71 -13.17
CA SER D 72 36.14 7.44 -13.88
C SER D 72 35.84 6.22 -13.02
N GLU D 73 35.84 6.35 -11.70
CA GLU D 73 35.68 5.22 -10.80
C GLU D 73 34.32 4.54 -11.00
N GLN D 74 34.33 3.21 -10.93
CA GLN D 74 33.15 2.41 -11.27
C GLN D 74 32.50 1.75 -10.08
N GLU D 75 33.26 1.19 -9.22
CA GLU D 75 32.74 0.37 -8.13
C GLU D 75 32.40 1.24 -6.92
N PRO D 76 31.43 0.79 -6.11
CA PRO D 76 30.91 1.68 -5.05
C PRO D 76 31.95 2.21 -4.08
N ALA D 77 32.74 1.33 -3.46
CA ALA D 77 33.73 1.80 -2.49
C ALA D 77 34.73 2.74 -3.14
N GLU D 78 35.22 2.39 -4.34
CA GLU D 78 36.16 3.25 -5.05
C GLU D 78 35.54 4.61 -5.38
N LEU D 79 34.27 4.62 -5.80
CA LEU D 79 33.64 5.87 -6.18
C LEU D 79 33.47 6.79 -4.97
N ILE D 80 32.95 6.27 -3.86
CA ILE D 80 32.79 7.08 -2.65
C ILE D 80 34.13 7.62 -2.19
N GLU D 81 35.17 6.76 -2.17
CA GLU D 81 36.47 7.23 -1.69
C GLU D 81 37.04 8.30 -2.59
N ALA D 82 36.89 8.15 -3.91
CA ALA D 82 37.46 9.11 -4.85
C ALA D 82 36.77 10.46 -4.74
N VAL D 83 35.45 10.48 -4.56
CA VAL D 83 34.75 11.75 -4.41
C VAL D 83 35.09 12.39 -3.06
N THR D 84 35.22 11.57 -2.02
CA THR D 84 35.60 12.08 -0.72
C THR D 84 37.02 12.66 -0.75
N SER D 85 37.94 11.98 -1.45
CA SER D 85 39.30 12.49 -1.58
C SER D 85 39.32 13.80 -2.37
N ALA D 86 38.54 13.88 -3.43
CA ALA D 86 38.61 15.03 -4.34
C ALA D 86 37.88 16.25 -3.77
N TYR D 87 36.74 16.04 -3.11
CA TYR D 87 35.89 17.14 -2.68
C TYR D 87 35.65 17.19 -1.17
N GLY D 88 36.22 16.27 -0.40
CA GLY D 88 36.16 16.38 1.03
C GLY D 88 35.17 15.42 1.66
N GLN D 89 33.97 15.35 1.08
CA GLN D 89 32.90 14.56 1.66
C GLN D 89 31.81 14.40 0.62
N VAL D 90 30.87 13.49 0.90
CA VAL D 90 29.71 13.24 0.05
C VAL D 90 28.50 13.66 0.86
N ASP D 91 27.82 14.74 0.45
CA ASP D 91 26.65 15.22 1.18
C ASP D 91 25.36 14.59 0.68
N VAL D 92 25.28 14.30 -0.61
CA VAL D 92 24.06 13.79 -1.23
C VAL D 92 24.44 12.62 -2.13
N LEU D 93 23.76 11.48 -1.95
CA LEU D 93 23.93 10.33 -2.83
C LEU D 93 22.66 10.15 -3.64
N VAL D 94 22.77 10.18 -4.96
CA VAL D 94 21.66 9.85 -5.85
C VAL D 94 22.05 8.54 -6.55
N SER D 95 21.46 7.44 -6.09
CA SER D 95 21.72 6.13 -6.68
C SER D 95 20.71 5.93 -7.80
N ASN D 96 21.14 6.26 -9.01
CA ASN D 96 20.31 6.27 -10.20
C ASN D 96 20.56 4.93 -10.89
N ASP D 97 19.83 3.92 -10.44
CA ASP D 97 20.15 2.55 -10.84
C ASP D 97 19.41 2.11 -12.08
N ILE D 98 20.11 1.34 -12.93
CA ILE D 98 19.60 0.92 -14.22
C ILE D 98 19.94 -0.54 -14.46
N PHE D 99 19.13 -1.16 -15.30
CA PHE D 99 19.25 -2.53 -15.77
C PHE D 99 18.32 -2.64 -16.95
N ALA D 100 18.70 -3.40 -17.97
CA ALA D 100 17.78 -3.54 -19.11
C ALA D 100 16.57 -4.39 -18.73
N PRO D 101 15.34 -3.87 -18.83
CA PRO D 101 14.15 -4.71 -18.59
C PRO D 101 14.03 -5.74 -19.72
N GLU D 102 13.99 -7.02 -19.35
CA GLU D 102 13.80 -8.08 -20.33
C GLU D 102 12.50 -8.80 -20.01
N PHE D 103 11.55 -8.76 -20.93
CA PHE D 103 10.25 -9.40 -20.71
C PHE D 103 10.35 -10.87 -21.08
N GLN D 104 10.08 -11.75 -20.13
CA GLN D 104 9.98 -13.19 -20.39
C GLN D 104 8.89 -13.82 -19.52
N PRO D 105 8.23 -14.85 -20.02
CA PRO D 105 7.51 -15.75 -19.13
C PRO D 105 8.51 -16.34 -18.13
N ILE D 106 8.04 -16.56 -16.90
CA ILE D 106 8.94 -16.91 -15.80
C ILE D 106 9.82 -18.11 -16.15
N ASP D 107 9.25 -19.10 -16.84
CA ASP D 107 10.04 -20.30 -17.14
C ASP D 107 11.06 -20.08 -18.24
N LYS D 108 10.99 -18.97 -18.98
CA LYS D 108 11.95 -18.73 -20.06
C LYS D 108 13.15 -17.91 -19.64
N TYR D 109 13.11 -17.26 -18.47
CA TYR D 109 14.31 -16.68 -17.90
C TYR D 109 15.31 -17.78 -17.54
N ALA D 110 16.58 -17.40 -17.47
CA ALA D 110 17.54 -18.13 -16.67
C ALA D 110 17.56 -17.53 -15.26
N VAL D 111 17.91 -18.34 -14.27
CA VAL D 111 18.01 -17.81 -12.91
C VAL D 111 19.02 -16.66 -12.88
N GLU D 112 20.08 -16.74 -13.68
CA GLU D 112 21.05 -15.66 -13.74
C GLU D 112 20.44 -14.35 -14.23
N ASP D 113 19.32 -14.40 -14.97
CA ASP D 113 18.66 -13.15 -15.37
C ASP D 113 18.05 -12.43 -14.17
N TYR D 114 17.56 -13.18 -13.18
CA TYR D 114 17.12 -12.52 -11.95
C TYR D 114 18.30 -12.04 -11.13
N ARG D 115 19.34 -12.87 -11.00
CA ARG D 115 20.52 -12.45 -10.26
C ARG D 115 21.09 -11.15 -10.83
N GLY D 116 21.12 -11.02 -12.16
CA GLY D 116 21.61 -9.79 -12.75
C GLY D 116 20.76 -8.59 -12.38
N ALA D 117 19.44 -8.76 -12.37
CA ALA D 117 18.57 -7.65 -11.98
C ALA D 117 18.78 -7.26 -10.53
N VAL D 118 18.86 -8.24 -9.63
N VAL D 118 18.89 -8.24 -9.62
CA VAL D 118 19.05 -7.92 -8.22
CA VAL D 118 19.03 -7.89 -8.20
C VAL D 118 20.38 -7.22 -8.00
C VAL D 118 20.40 -7.29 -7.92
N GLU D 119 21.44 -7.69 -8.67
CA GLU D 119 22.75 -7.08 -8.47
C GLU D 119 22.75 -5.61 -8.89
N ALA D 120 22.12 -5.32 -10.02
CA ALA D 120 22.12 -3.96 -10.56
C ALA D 120 21.14 -3.05 -9.82
N LEU D 121 20.04 -3.60 -9.32
CA LEU D 121 18.94 -2.76 -8.83
C LEU D 121 18.76 -2.80 -7.32
N GLN D 122 19.35 -3.78 -6.62
CA GLN D 122 19.32 -3.86 -5.17
C GLN D 122 20.69 -3.84 -4.55
N ILE D 123 21.59 -4.73 -4.98
CA ILE D 123 22.89 -4.81 -4.32
C ILE D 123 23.68 -3.52 -4.54
N ARG D 124 23.54 -2.91 -5.72
CA ARG D 124 24.32 -1.72 -6.04
C ARG D 124 23.93 -0.54 -5.15
N PRO D 125 22.65 -0.15 -5.02
CA PRO D 125 22.34 0.93 -4.07
C PRO D 125 22.72 0.57 -2.64
N PHE D 126 22.54 -0.69 -2.25
CA PHE D 126 22.97 -1.11 -0.92
C PHE D 126 24.46 -0.89 -0.73
N ALA D 127 25.27 -1.27 -1.71
CA ALA D 127 26.70 -1.12 -1.59
C ALA D 127 27.10 0.35 -1.50
N LEU D 128 26.41 1.22 -2.23
CA LEU D 128 26.76 2.64 -2.15
C LEU D 128 26.42 3.22 -0.78
N VAL D 129 25.24 2.88 -0.23
CA VAL D 129 24.91 3.35 1.11
C VAL D 129 25.86 2.76 2.15
N ASN D 130 26.17 1.48 2.01
CA ASN D 130 27.11 0.80 2.92
C ASN D 130 28.46 1.52 2.94
N ALA D 131 28.88 2.05 1.79
CA ALA D 131 30.18 2.70 1.68
C ALA D 131 30.17 4.15 2.16
N VAL D 132 29.03 4.83 2.09
CA VAL D 132 28.98 6.26 2.42
C VAL D 132 28.35 6.55 3.78
N ALA D 133 27.62 5.59 4.37
CA ALA D 133 26.81 5.93 5.53
C ALA D 133 27.64 6.34 6.73
N SER D 134 28.84 5.78 6.91
CA SER D 134 29.60 6.11 8.11
C SER D 134 29.99 7.58 8.13
N GLN D 135 30.44 8.15 7.01
CA GLN D 135 30.82 9.56 7.06
C GLN D 135 29.61 10.45 7.30
N MET D 136 28.45 10.09 6.75
CA MET D 136 27.24 10.86 7.02
C MET D 136 26.82 10.76 8.48
N LYS D 137 26.90 9.56 9.04
CA LYS D 137 26.46 9.37 10.42
C LYS D 137 27.36 10.12 11.39
N LYS D 138 28.67 10.14 11.13
CA LYS D 138 29.60 10.79 12.04
C LYS D 138 29.32 12.28 12.17
N ARG D 139 28.99 12.95 11.07
CA ARG D 139 28.68 14.37 11.13
C ARG D 139 27.19 14.64 11.31
N LYS D 140 26.37 13.60 11.30
CA LYS D 140 24.91 13.72 11.46
C LYS D 140 24.30 14.62 10.39
N SER D 141 24.71 14.40 9.14
CA SER D 141 24.06 15.09 8.03
C SER D 141 24.28 14.30 6.74
N GLY D 142 23.34 14.43 5.82
CA GLY D 142 23.41 13.73 4.56
C GLY D 142 22.00 13.48 4.03
N HIS D 143 21.93 13.20 2.72
CA HIS D 143 20.68 12.80 2.08
C HIS D 143 20.95 11.67 1.13
N ILE D 144 20.10 10.66 1.15
CA ILE D 144 20.24 9.48 0.30
C ILE D 144 18.97 9.34 -0.53
N ILE D 145 19.12 9.28 -1.85
CA ILE D 145 18.01 9.18 -2.79
C ILE D 145 18.29 8.01 -3.73
N PHE D 146 17.36 7.05 -3.79
CA PHE D 146 17.40 6.01 -4.82
C PHE D 146 16.42 6.39 -5.93
N ILE D 147 16.85 6.26 -7.18
N ILE D 147 16.83 6.21 -7.18
CA ILE D 147 15.91 6.26 -8.29
CA ILE D 147 15.88 6.28 -8.29
C ILE D 147 15.60 4.81 -8.61
C ILE D 147 15.58 4.86 -8.71
N THR D 148 14.34 4.43 -8.46
CA THR D 148 13.94 3.04 -8.55
C THR D 148 12.97 2.84 -9.72
N SER D 149 11.70 2.56 -9.43
CA SER D 149 10.72 2.34 -10.49
C SER D 149 9.34 2.35 -9.86
N ALA D 150 8.35 2.81 -10.63
CA ALA D 150 6.94 2.65 -10.24
C ALA D 150 6.34 1.33 -10.72
N THR D 151 7.12 0.47 -11.40
CA THR D 151 6.56 -0.80 -11.84
C THR D 151 6.00 -1.65 -10.70
N PRO D 152 6.53 -1.64 -9.47
CA PRO D 152 5.89 -2.45 -8.41
C PRO D 152 4.49 -1.99 -8.11
N PHE D 153 4.19 -0.72 -8.34
CA PHE D 153 2.84 -0.22 -8.06
C PHE D 153 1.82 -0.86 -8.98
N GLY D 154 2.20 -1.18 -10.21
CA GLY D 154 1.32 -1.81 -11.15
C GLY D 154 2.09 -2.62 -12.17
N PRO D 155 2.42 -3.87 -11.82
CA PRO D 155 3.30 -4.65 -12.70
C PRO D 155 2.64 -5.00 -14.01
N TRP D 156 3.45 -4.95 -15.07
CA TRP D 156 3.09 -5.56 -16.34
C TRP D 156 3.35 -7.05 -16.25
N LYS D 157 2.55 -7.84 -16.95
CA LYS D 157 2.89 -9.26 -16.96
C LYS D 157 4.19 -9.49 -17.72
N GLU D 158 4.95 -10.50 -17.26
CA GLU D 158 6.18 -10.99 -17.86
C GLU D 158 7.37 -10.06 -17.64
N LEU D 159 7.38 -9.30 -16.54
CA LEU D 159 8.57 -8.56 -16.18
C LEU D 159 8.91 -8.80 -14.72
N SER D 160 8.92 -10.07 -14.30
CA SER D 160 8.96 -10.37 -12.88
C SER D 160 10.33 -10.07 -12.26
N THR D 161 11.40 -10.19 -13.03
CA THR D 161 12.75 -9.97 -12.50
C THR D 161 12.96 -8.51 -12.14
N TYR D 162 12.87 -7.65 -13.16
CA TYR D 162 13.06 -6.21 -12.96
C TYR D 162 12.09 -5.66 -11.93
N THR D 163 10.81 -6.04 -12.03
CA THR D 163 9.80 -5.42 -11.18
C THR D 163 10.04 -5.75 -9.71
N SER D 164 10.32 -7.01 -9.40
CA SER D 164 10.51 -7.37 -8.00
C SER D 164 11.82 -6.82 -7.43
N ALA D 165 12.87 -6.72 -8.25
CA ALA D 165 14.11 -6.12 -7.76
C ALA D 165 13.90 -4.65 -7.41
N ARG D 166 13.15 -3.92 -8.24
CA ARG D 166 12.85 -2.53 -7.93
C ARG D 166 12.08 -2.40 -6.61
N ALA D 167 11.16 -3.33 -6.33
CA ALA D 167 10.45 -3.28 -5.05
C ALA D 167 11.40 -3.52 -3.88
N GLY D 168 12.34 -4.45 -4.04
CA GLY D 168 13.36 -4.60 -3.01
C GLY D 168 14.08 -3.30 -2.73
N ALA D 169 14.41 -2.54 -3.78
CA ALA D 169 15.09 -1.26 -3.56
C ALA D 169 14.19 -0.26 -2.85
N ASN D 170 12.90 -0.23 -3.21
CA ASN D 170 11.99 0.68 -2.51
C ASN D 170 11.94 0.37 -1.02
N THR D 171 11.80 -0.92 -0.66
CA THR D 171 11.76 -1.26 0.75
C THR D 171 13.10 -1.03 1.41
N LEU D 172 14.20 -1.24 0.69
CA LEU D 172 15.51 -0.93 1.24
C LEU D 172 15.59 0.54 1.66
N ALA D 173 15.13 1.44 0.79
CA ALA D 173 15.12 2.86 1.15
C ALA D 173 14.25 3.11 2.37
N ASN D 174 13.06 2.53 2.40
CA ASN D 174 12.16 2.77 3.53
C ASN D 174 12.74 2.20 4.82
N ALA D 175 13.32 1.00 4.76
CA ALA D 175 13.91 0.41 5.95
C ALA D 175 15.09 1.26 6.44
N LEU D 176 15.93 1.72 5.50
CA LEU D 176 17.08 2.52 5.90
C LEU D 176 16.66 3.82 6.56
N SER D 177 15.53 4.41 6.15
CA SER D 177 15.09 5.64 6.78
C SER D 177 14.91 5.47 8.29
N LYS D 178 14.49 4.29 8.73
CA LYS D 178 14.20 4.07 10.15
C LYS D 178 15.46 4.12 11.00
N GLU D 179 16.60 3.68 10.47
CA GLU D 179 17.80 3.72 11.28
C GLU D 179 18.60 5.01 11.08
N LEU D 180 18.57 5.59 9.88
CA LEU D 180 19.40 6.75 9.62
C LEU D 180 18.76 8.05 10.10
N GLY D 181 17.46 8.04 10.43
CA GLY D 181 16.85 9.25 10.95
C GLY D 181 17.46 9.72 12.26
N GLU D 182 17.89 8.78 13.10
CA GLU D 182 18.54 9.12 14.36
C GLU D 182 19.80 9.95 14.13
N TYR D 183 20.42 9.81 12.96
CA TYR D 183 21.59 10.56 12.56
C TYR D 183 21.26 11.72 11.64
N ASN D 184 19.98 12.08 11.53
CA ASN D 184 19.52 13.23 10.76
C ASN D 184 19.79 13.06 9.26
N ILE D 185 19.67 11.83 8.76
CA ILE D 185 19.89 11.52 7.35
C ILE D 185 18.59 11.01 6.75
N PRO D 186 17.89 11.83 5.96
CA PRO D 186 16.70 11.33 5.28
C PRO D 186 17.06 10.38 4.15
N VAL D 187 16.19 9.41 3.91
CA VAL D 187 16.35 8.42 2.84
C VAL D 187 15.06 8.39 2.04
N PHE D 188 15.18 8.49 0.71
CA PHE D 188 14.02 8.55 -0.17
C PHE D 188 14.21 7.60 -1.34
N ALA D 189 13.09 7.10 -1.86
CA ALA D 189 13.07 6.40 -3.14
C ALA D 189 12.12 7.13 -4.07
N ILE D 190 12.59 7.44 -5.28
CA ILE D 190 11.78 8.05 -6.32
C ILE D 190 11.58 6.97 -7.37
N GLY D 191 10.33 6.50 -7.54
CA GLY D 191 10.07 5.46 -8.49
C GLY D 191 9.31 6.00 -9.70
N PRO D 192 10.00 6.19 -10.82
CA PRO D 192 9.36 6.77 -11.99
C PRO D 192 8.69 5.73 -12.89
N ASN D 193 7.81 6.22 -13.74
CA ASN D 193 7.49 5.49 -14.96
C ASN D 193 7.16 6.53 -16.01
N TYR D 194 7.40 6.16 -17.27
CA TYR D 194 7.16 7.05 -18.40
C TYR D 194 7.93 8.36 -18.26
N LEU D 195 9.14 8.27 -17.69
CA LEU D 195 10.05 9.41 -17.60
C LEU D 195 10.84 9.52 -18.89
N HIS D 196 10.64 10.61 -19.62
CA HIS D 196 11.42 10.84 -20.84
C HIS D 196 12.91 10.79 -20.52
N SER D 197 13.66 9.95 -21.24
CA SER D 197 15.08 9.78 -20.99
C SER D 197 15.93 10.27 -22.15
N GLU D 198 15.31 10.97 -23.10
CA GLU D 198 16.00 11.69 -24.17
C GLU D 198 16.79 10.72 -25.04
N ASP D 199 18.13 10.78 -25.03
CA ASP D 199 18.90 9.88 -25.87
C ASP D 199 19.17 8.52 -25.22
N SER D 200 18.89 8.38 -23.93
CA SER D 200 19.19 7.15 -23.23
C SER D 200 18.10 6.12 -23.47
N PRO D 201 18.47 4.85 -23.68
CA PRO D 201 17.45 3.80 -23.80
C PRO D 201 16.81 3.41 -22.48
N TYR D 202 17.31 3.92 -21.36
CA TYR D 202 16.71 3.63 -20.05
C TYR D 202 15.87 4.83 -19.58
N PHE D 203 14.54 4.82 -19.73
CA PHE D 203 13.76 3.72 -20.28
C PHE D 203 12.74 4.20 -21.29
N TYR D 204 12.71 5.51 -21.57
CA TYR D 204 11.75 6.09 -22.52
C TYR D 204 12.45 7.11 -23.41
N PRO D 205 13.26 6.65 -24.35
CA PRO D 205 13.94 7.59 -25.26
C PRO D 205 12.97 8.31 -26.17
N THR D 206 13.42 9.49 -26.64
CA THR D 206 12.63 10.31 -27.56
C THR D 206 12.11 9.48 -28.73
N GLU D 207 12.99 8.69 -29.34
CA GLU D 207 12.59 7.70 -30.32
C GLU D 207 12.52 6.36 -29.62
N PRO D 208 11.33 5.73 -29.55
CA PRO D 208 10.06 6.03 -30.24
C PRO D 208 9.01 6.80 -29.45
N TRP D 209 9.29 7.15 -28.19
CA TRP D 209 8.19 7.49 -27.29
C TRP D 209 7.58 8.86 -27.57
N LYS D 210 8.30 9.76 -28.23
CA LYS D 210 7.70 11.00 -28.68
C LYS D 210 7.54 11.05 -30.19
N THR D 211 8.04 10.06 -30.91
CA THR D 211 8.09 10.15 -32.37
C THR D 211 7.15 9.20 -33.10
N ASN D 212 6.74 8.10 -32.47
CA ASN D 212 5.94 7.10 -33.14
C ASN D 212 4.50 7.17 -32.67
N PRO D 213 3.51 7.25 -33.58
CA PRO D 213 2.11 7.45 -33.15
C PRO D 213 1.61 6.43 -32.14
N GLU D 214 1.93 5.14 -32.33
N GLU D 214 1.91 5.14 -32.36
CA GLU D 214 1.42 4.11 -31.41
CA GLU D 214 1.46 4.10 -31.42
C GLU D 214 1.97 4.32 -30.00
C GLU D 214 1.95 4.39 -30.00
N HIS D 215 3.20 4.81 -29.88
CA HIS D 215 3.77 5.04 -28.56
C HIS D 215 3.21 6.29 -27.93
N VAL D 216 3.06 7.36 -28.71
CA VAL D 216 2.41 8.57 -28.22
C VAL D 216 1.01 8.25 -27.70
N ALA D 217 0.25 7.43 -28.44
CA ALA D 217 -1.11 7.10 -28.00
C ALA D 217 -1.09 6.26 -26.73
N HIS D 218 -0.14 5.33 -26.62
CA HIS D 218 -0.04 4.51 -25.41
C HIS D 218 0.17 5.40 -24.19
N VAL D 219 1.09 6.37 -24.28
CA VAL D 219 1.39 7.23 -23.14
C VAL D 219 0.17 8.07 -22.77
N LYS D 220 -0.59 8.53 -23.77
N LYS D 220 -0.58 8.55 -23.77
CA LYS D 220 -1.81 9.29 -23.48
CA LYS D 220 -1.80 9.29 -23.49
C LYS D 220 -2.85 8.43 -22.78
C LYS D 220 -2.83 8.42 -22.76
N LYS D 221 -2.86 7.12 -23.06
CA LYS D 221 -3.83 6.23 -22.44
C LYS D 221 -3.48 5.88 -21.00
N VAL D 222 -2.20 5.64 -20.70
CA VAL D 222 -1.84 5.00 -19.44
C VAL D 222 -1.39 5.97 -18.35
N THR D 223 -1.19 7.25 -18.66
CA THR D 223 -0.87 8.26 -17.66
C THR D 223 -2.04 9.23 -17.52
N ALA D 224 -2.24 9.73 -16.29
CA ALA D 224 -3.32 10.68 -16.06
C ALA D 224 -3.05 12.01 -16.76
N LEU D 225 -1.79 12.47 -16.73
CA LEU D 225 -1.42 13.71 -17.40
C LEU D 225 -1.23 13.56 -18.90
N GLN D 226 -1.28 12.33 -19.42
CA GLN D 226 -1.29 12.06 -20.86
C GLN D 226 -0.03 12.58 -21.55
N ARG D 227 1.12 12.33 -20.93
CA ARG D 227 2.41 12.77 -21.46
C ARG D 227 3.50 12.05 -20.70
N LEU D 228 4.70 12.06 -21.26
CA LEU D 228 5.88 11.61 -20.52
C LEU D 228 6.26 12.64 -19.46
N GLY D 229 6.92 12.16 -18.40
CA GLY D 229 7.52 13.05 -17.44
C GLY D 229 8.82 13.61 -17.95
N THR D 230 9.22 14.77 -17.44
CA THR D 230 10.42 15.41 -17.93
C THR D 230 11.58 15.23 -16.97
N GLN D 231 12.80 15.31 -17.53
CA GLN D 231 13.99 15.31 -16.71
C GLN D 231 13.97 16.46 -15.71
N LYS D 232 13.40 17.59 -16.11
N LYS D 232 13.40 17.60 -16.12
CA LYS D 232 13.31 18.72 -15.18
CA LYS D 232 13.31 18.72 -15.18
C LYS D 232 12.44 18.39 -13.98
C LYS D 232 12.44 18.37 -13.98
N GLU D 233 11.31 17.70 -14.20
CA GLU D 233 10.45 17.33 -13.07
C GLU D 233 11.19 16.40 -12.11
N LEU D 234 11.89 15.40 -12.65
CA LEU D 234 12.66 14.52 -11.78
C LEU D 234 13.73 15.29 -11.04
N GLY D 235 14.50 16.11 -11.76
CA GLY D 235 15.55 16.89 -11.13
C GLY D 235 15.04 17.84 -10.07
N GLU D 236 13.90 18.49 -10.31
CA GLU D 236 13.33 19.39 -9.31
C GLU D 236 13.03 18.65 -8.02
N LEU D 237 12.47 17.45 -8.12
CA LEU D 237 12.21 16.65 -6.93
C LEU D 237 13.50 16.26 -6.23
N VAL D 238 14.50 15.82 -7.00
CA VAL D 238 15.78 15.44 -6.40
C VAL D 238 16.40 16.61 -5.65
N ALA D 239 16.45 17.78 -6.28
CA ALA D 239 17.07 18.94 -5.63
C ALA D 239 16.26 19.39 -4.43
N PHE D 240 14.93 19.31 -4.51
CA PHE D 240 14.08 19.69 -3.38
C PHE D 240 14.34 18.78 -2.18
N LEU D 241 14.40 17.47 -2.41
CA LEU D 241 14.67 16.54 -1.32
C LEU D 241 16.07 16.74 -0.75
N ALA D 242 17.05 17.00 -1.62
CA ALA D 242 18.42 17.15 -1.17
C ALA D 242 18.68 18.48 -0.48
N SER D 243 17.74 19.42 -0.59
CA SER D 243 17.95 20.78 -0.09
C SER D 243 17.87 20.87 1.42
N GLY D 244 17.30 19.88 2.08
CA GLY D 244 17.01 20.00 3.49
C GLY D 244 15.77 20.80 3.80
N SER D 245 14.96 21.10 2.79
CA SER D 245 13.73 21.85 3.01
C SER D 245 12.60 20.98 3.55
N CYS D 246 12.64 19.68 3.32
CA CYS D 246 11.50 18.83 3.71
C CYS D 246 12.00 17.45 4.10
N ASP D 247 12.93 17.42 5.07
CA ASP D 247 13.45 16.15 5.58
C ASP D 247 12.38 15.27 6.19
N TYR D 248 11.26 15.85 6.66
CA TYR D 248 10.23 15.09 7.33
C TYR D 248 9.51 14.13 6.40
N LEU D 249 9.81 14.14 5.09
CA LEU D 249 9.31 13.11 4.19
C LEU D 249 10.12 11.82 4.24
N THR D 250 11.14 11.73 5.10
CA THR D 250 12.03 10.58 5.04
C THR D 250 11.25 9.27 5.11
N GLY D 251 11.72 8.29 4.31
CA GLY D 251 11.04 7.02 4.21
C GLY D 251 10.05 6.92 3.06
N GLN D 252 9.74 8.03 2.41
CA GLN D 252 8.75 8.05 1.35
C GLN D 252 9.25 7.30 0.11
N VAL D 253 8.35 6.55 -0.52
CA VAL D 253 8.50 6.11 -1.90
C VAL D 253 7.60 7.02 -2.74
N PHE D 254 8.22 7.84 -3.59
CA PHE D 254 7.50 8.75 -4.49
C PHE D 254 7.17 8.03 -5.78
N TRP D 255 5.93 8.11 -6.22
CA TRP D 255 5.53 7.51 -7.50
C TRP D 255 5.52 8.63 -8.54
N LEU D 256 6.61 8.74 -9.30
CA LEU D 256 6.79 9.82 -10.27
C LEU D 256 6.40 9.29 -11.66
N ALA D 257 5.08 9.13 -11.84
CA ALA D 257 4.60 8.43 -13.03
C ALA D 257 3.37 9.10 -13.63
N GLY D 258 3.12 10.36 -13.30
CA GLY D 258 2.12 11.12 -14.04
C GLY D 258 0.71 10.63 -13.85
N GLY D 259 0.44 9.92 -12.77
CA GLY D 259 -0.87 9.34 -12.56
C GLY D 259 -1.04 7.94 -13.11
N PHE D 260 -0.02 7.38 -13.76
CA PHE D 260 0.02 5.94 -14.03
C PHE D 260 -0.19 5.18 -12.70
N PRO D 261 -0.91 4.05 -12.74
CA PRO D 261 -1.59 3.52 -13.92
C PRO D 261 -3.02 4.02 -14.07
N MET D 262 -3.41 4.29 -15.31
CA MET D 262 -4.81 4.44 -15.66
C MET D 262 -5.43 3.07 -15.88
N ILE D 263 -6.57 2.82 -15.24
CA ILE D 263 -7.18 1.48 -15.17
C ILE D 263 -8.30 1.39 -16.20
N GLU D 264 -8.26 0.34 -17.00
CA GLU D 264 -9.20 0.14 -18.10
C GLU D 264 -10.64 0.19 -17.62
N ARG D 265 -11.47 1.04 -18.25
CA ARG D 265 -12.85 1.18 -17.82
C ARG D 265 -13.78 0.25 -18.60
N TRP D 266 -15.02 0.14 -18.10
CA TRP D 266 -16.00 -0.79 -18.66
C TRP D 266 -16.34 -0.45 -20.11
N PRO D 267 -16.87 -1.42 -20.84
CA PRO D 267 -17.34 -1.16 -22.22
C PRO D 267 -18.27 0.04 -22.32
N GLY D 268 -18.11 0.79 -23.41
CA GLY D 268 -18.92 1.94 -23.69
C GLY D 268 -18.44 3.23 -23.06
N MET D 269 -17.56 3.15 -22.07
CA MET D 269 -17.09 4.37 -21.45
C MET D 269 -15.99 4.99 -22.30
N PRO D 270 -15.99 6.32 -22.44
CA PRO D 270 -15.04 6.98 -23.34
C PRO D 270 -13.60 6.87 -22.87
N GLU D 271 -12.70 7.14 -23.82
CA GLU D 271 -11.28 7.37 -23.53
C GLU D 271 -11.10 8.55 -22.58
CL CL E . 7.44 -15.13 11.77
NA NA F . 17.14 -39.40 -2.65
CL CL G . -17.51 -6.68 -7.62
NA NA H . -40.30 -9.47 11.17
CL CL I . -35.59 -1.39 11.47
CL CL J . -0.14 16.02 12.63
NA NA K . -16.58 39.32 3.85
CL CL L . 10.81 5.49 -16.33
NA NA M . 39.97 9.21 -12.95
#